data_8TFN
#
_entry.id   8TFN
#
_cell.length_a   64.588
_cell.length_b   118.865
_cell.length_c   173.021
_cell.angle_alpha   90.00
_cell.angle_beta   90.00
_cell.angle_gamma   90.00
#
_symmetry.space_group_name_H-M   'P 2 21 2'
#
loop_
_entity.id
_entity.type
_entity.pdbx_description
1 polymer TRAV12-3
2 polymer TRBV6-5
3 polymer 'Anti-TCRVb6-5 Fab heavy chain'
4 polymer 'Anti-TCRVb6-5 Fab light chain'
5 water water
#
loop_
_entity_poly.entity_id
_entity_poly.type
_entity_poly.pdbx_seq_one_letter_code
_entity_poly.pdbx_strand_id
1 'polypeptide(L)'
;QKEVEQDPGPLSVPEGAIVSLSCTYSNSAFQYFMWYRQYSRKGPELLMYTYSSGNKEDGRFTAQVDKSSKYISLFIRDSQ
PSDSATYLCAMSGDLNTNAGKSTFGDGTTLTVKPNIQNPDPAVYQLRDSKSSDKSVCLFTDFDSQTAVSQSKDSDVYITD
KTVLDMRSMDFKSNSAVAWSAKSDFACANAFANSIIPEDTFFPS
;
A
2 'polypeptide(L)'
;NAGVTQTPKFQVLKTGQSMTLQCAQDMNHEYMSWYRQDPGMGLRLIHYSVGAGITDQGEVPNGYAVSRSTTEDFPLRLLS
AAPSQTSVYFCASSQGPFQPQHFGDGTRLSILEDLKNVFPPEVAVFEPSEAEISHTQKATLVCLATGFYPDHVELSWWVN
GKEVHSGVSTDPQPLKEQPALADSRYALSSRLRVSATFWQNPRNHFRCQVQFYGLSENDEWTQDRAKPVTQIVSAEAWGR
AD
;
B
3 'polypeptide(L)'
;QVQLVQSGAEVKKPGSSVKVSCKASGHDFRLTYIHWVRQAPGQGLEWMGRVSAGSGNVKYNEKFKGRVTITADTSTSTAY
MELSSLRSEDTAVYYCAVSYYSYDVLDYWGQGTTVTVSSASTKGPSVFPLAPSSKSTSGGTAALGCLVKDYFPEPVTVSW
NSGALTSGVHTFPAVLQSSGLYSLSSVVTVPSSSLGTQTYICNVNHKPSNTKVDKKVEPKSCDKT
;
H
4 'polypeptide(L)'
;DIQMTQSPSFLSASVGDRVTITCKASQNVADRVVWHQQKPGKAPKALIYSSSHRYKGVPSRFSGSGSGTEFTLTISSLQP
EDFATYFCQQFKSYPLTFGQGTKLEIKRTVAAPSVFIFPPSDEQLKSGTASVVCLLNNFYPREAKVQWKVDNALQSGNSQ
ESVTEQDSKDSTYSLSSTLTLSKADYEKHKVYACEVTHQGLSSPVTKSFNRGEC
;
L
#
# COMPACT_ATOMS: atom_id res chain seq x y z
N GLU A 3 0.45 -15.55 -12.76
CA GLU A 3 -1.00 -15.36 -12.88
C GLU A 3 -1.56 -16.24 -13.99
N VAL A 4 -0.86 -16.24 -15.14
CA VAL A 4 -1.20 -17.16 -16.22
C VAL A 4 -0.64 -18.55 -15.98
N GLU A 5 0.11 -18.75 -14.90
CA GLU A 5 0.58 -20.07 -14.49
C GLU A 5 -0.42 -20.71 -13.54
N GLN A 6 -0.51 -22.04 -13.58
CA GLN A 6 -1.52 -22.78 -12.84
C GLN A 6 -0.87 -24.00 -12.19
N ASP A 7 -0.59 -23.91 -10.87
CA ASP A 7 -0.18 -25.09 -10.09
C ASP A 7 -0.69 -24.96 -8.65
N PRO A 8 -1.24 -26.03 -8.07
CA PRO A 8 -1.87 -25.94 -6.75
C PRO A 8 -0.92 -26.14 -5.57
N GLY A 9 -1.49 -26.26 -4.38
CA GLY A 9 -0.75 -26.19 -3.14
C GLY A 9 -0.23 -27.51 -2.61
N PRO A 10 -0.71 -27.90 -1.43
CA PRO A 10 0.03 -28.86 -0.60
C PRO A 10 -0.04 -30.29 -1.13
N LEU A 11 1.06 -31.02 -0.91
CA LEU A 11 1.23 -32.40 -1.39
C LEU A 11 2.22 -33.13 -0.49
N SER A 12 1.90 -34.37 -0.13
CA SER A 12 2.74 -35.20 0.73
C SER A 12 2.89 -36.59 0.14
N VAL A 13 4.12 -37.11 0.16
CA VAL A 13 4.45 -38.39 -0.47
C VAL A 13 5.36 -39.19 0.46
N PRO A 14 5.20 -40.51 0.57
CA PRO A 14 6.11 -41.29 1.41
C PRO A 14 7.49 -41.41 0.77
N GLU A 15 8.50 -41.52 1.63
CA GLU A 15 9.89 -41.60 1.19
C GLU A 15 10.07 -42.80 0.27
N GLY A 16 10.88 -42.61 -0.78
CA GLY A 16 11.16 -43.65 -1.74
C GLY A 16 10.23 -43.70 -2.93
N ALA A 17 9.18 -42.87 -2.96
CA ALA A 17 8.20 -42.91 -4.02
C ALA A 17 8.53 -41.90 -5.12
N ILE A 18 8.00 -42.17 -6.31
CA ILE A 18 8.09 -41.22 -7.41
C ILE A 18 7.02 -40.15 -7.20
N VAL A 19 7.42 -38.88 -7.32
CA VAL A 19 6.53 -37.75 -7.16
C VAL A 19 6.38 -37.06 -8.50
N SER A 20 5.15 -36.64 -8.81
CA SER A 20 4.85 -35.93 -10.05
C SER A 20 4.31 -34.55 -9.72
N LEU A 21 4.92 -33.51 -10.30
CA LEU A 21 4.44 -32.14 -10.22
C LEU A 21 4.14 -31.65 -11.63
N SER A 22 3.29 -30.63 -11.72
CA SER A 22 2.87 -30.18 -13.04
C SER A 22 2.32 -28.76 -12.96
N CYS A 23 2.29 -28.11 -14.12
CA CYS A 23 1.66 -26.80 -14.30
C CYS A 23 1.13 -26.72 -15.73
N THR A 24 0.08 -25.91 -15.91
CA THR A 24 -0.53 -25.70 -17.22
C THR A 24 -0.60 -24.19 -17.47
N TYR A 25 -0.70 -23.82 -18.75
CA TYR A 25 -0.59 -22.39 -19.07
C TYR A 25 -1.54 -21.93 -20.17
N SER A 26 -2.66 -22.61 -20.40
CA SER A 26 -3.57 -22.21 -21.46
C SER A 26 -3.90 -20.72 -21.34
N ASN A 27 -4.22 -20.10 -22.49
CA ASN A 27 -4.20 -18.65 -22.68
C ASN A 27 -2.76 -18.15 -22.71
N SER A 28 -1.87 -18.92 -23.33
CA SER A 28 -0.48 -18.52 -23.52
C SER A 28 0.22 -19.48 -24.47
N ALA A 29 1.18 -18.94 -25.21
CA ALA A 29 2.07 -19.73 -26.05
C ALA A 29 3.48 -19.51 -25.52
N PHE A 30 3.83 -20.27 -24.49
CA PHE A 30 5.15 -20.15 -23.89
C PHE A 30 6.12 -21.05 -24.63
N GLN A 31 7.41 -20.77 -24.45
CA GLN A 31 8.46 -21.48 -25.17
C GLN A 31 9.50 -22.12 -24.26
N TYR A 32 9.87 -21.45 -23.18
CA TYR A 32 10.91 -21.93 -22.29
C TYR A 32 10.31 -22.13 -20.91
N PHE A 33 10.69 -23.25 -20.27
CA PHE A 33 10.07 -23.66 -19.03
C PHE A 33 11.16 -23.99 -18.02
N MET A 34 11.00 -23.51 -16.80
CA MET A 34 11.96 -23.75 -15.74
C MET A 34 11.28 -24.48 -14.58
N TRP A 35 12.09 -24.89 -13.62
CA TRP A 35 11.60 -25.51 -12.39
C TRP A 35 12.55 -25.10 -11.28
N TYR A 36 12.07 -24.30 -10.35
CA TYR A 36 12.86 -23.86 -9.20
C TYR A 36 12.44 -24.64 -7.96
N ARG A 37 13.36 -24.74 -7.01
CA ARG A 37 13.09 -25.37 -5.73
C ARG A 37 13.50 -24.40 -4.63
N GLN A 38 12.58 -24.16 -3.69
CA GLN A 38 12.79 -23.15 -2.65
C GLN A 38 12.66 -23.80 -1.28
N TYR A 39 13.77 -23.84 -0.54
CA TYR A 39 13.75 -24.22 0.86
C TYR A 39 13.51 -22.99 1.73
N SER A 40 13.13 -23.23 2.98
CA SER A 40 12.82 -22.14 3.89
C SER A 40 14.08 -21.35 4.22
N ARG A 41 13.92 -20.03 4.35
CA ARG A 41 14.97 -19.07 4.69
C ARG A 41 16.06 -18.97 3.62
N LYS A 42 15.82 -19.49 2.42
CA LYS A 42 16.76 -19.35 1.31
C LYS A 42 15.99 -19.03 0.04
N GLY A 43 16.72 -18.76 -1.03
CA GLY A 43 16.10 -18.38 -2.28
C GLY A 43 15.86 -19.57 -3.19
N PRO A 44 15.07 -19.36 -4.25
CA PRO A 44 14.83 -20.44 -5.22
C PRO A 44 16.13 -20.90 -5.87
N GLU A 45 16.22 -22.21 -6.11
CA GLU A 45 17.37 -22.82 -6.75
C GLU A 45 16.91 -23.47 -8.06
N LEU A 46 17.63 -23.19 -9.14
CA LEU A 46 17.23 -23.67 -10.45
C LEU A 46 17.48 -25.18 -10.55
N LEU A 47 16.44 -25.92 -10.92
CA LEU A 47 16.54 -27.37 -11.05
C LEU A 47 16.66 -27.81 -12.51
N MET A 48 15.69 -27.40 -13.34
CA MET A 48 15.64 -27.79 -14.74
C MET A 48 15.25 -26.59 -15.58
N TYR A 49 15.71 -26.58 -16.83
CA TYR A 49 15.25 -25.60 -17.80
C TYR A 49 15.28 -26.22 -19.18
N THR A 50 14.18 -26.06 -19.92
CA THR A 50 14.03 -26.61 -21.25
C THR A 50 13.61 -25.49 -22.20
N TYR A 51 14.00 -25.64 -23.48
CA TYR A 51 13.67 -24.65 -24.50
C TYR A 51 12.82 -25.23 -25.63
N SER A 52 12.17 -26.37 -25.39
CA SER A 52 11.40 -27.04 -26.43
C SER A 52 10.51 -28.09 -25.79
N SER A 53 9.57 -28.59 -26.59
CA SER A 53 8.79 -29.74 -26.18
C SER A 53 9.69 -30.97 -26.20
N GLY A 54 9.69 -31.73 -25.12
CA GLY A 54 10.58 -32.87 -24.99
C GLY A 54 10.83 -33.19 -23.54
N ASN A 55 11.86 -34.01 -23.32
CA ASN A 55 12.21 -34.50 -21.99
C ASN A 55 13.68 -34.28 -21.71
N LYS A 56 13.99 -34.12 -20.43
CA LYS A 56 15.34 -33.83 -19.96
C LYS A 56 15.48 -34.41 -18.57
N GLU A 57 16.55 -35.17 -18.32
CA GLU A 57 16.72 -35.83 -17.04
C GLU A 57 18.11 -35.54 -16.46
N ASP A 58 18.16 -35.41 -15.14
CA ASP A 58 19.38 -35.03 -14.43
C ASP A 58 19.29 -35.66 -13.04
N GLY A 59 19.98 -36.79 -12.86
CA GLY A 59 19.88 -37.50 -11.60
C GLY A 59 18.48 -38.02 -11.39
N ARG A 60 17.92 -37.77 -10.20
CA ARG A 60 16.59 -38.26 -9.88
C ARG A 60 15.48 -37.41 -10.48
N PHE A 61 15.81 -36.30 -11.13
CA PHE A 61 14.83 -35.36 -11.66
C PHE A 61 14.60 -35.60 -13.14
N THR A 62 13.37 -35.35 -13.57
CA THR A 62 13.01 -35.45 -14.99
C THR A 62 11.96 -34.40 -15.29
N ALA A 63 12.26 -33.49 -16.19
CA ALA A 63 11.35 -32.42 -16.58
C ALA A 63 10.82 -32.71 -17.98
N GLN A 64 9.49 -32.62 -18.13
CA GLN A 64 8.83 -32.90 -19.39
C GLN A 64 8.02 -31.69 -19.82
N VAL A 65 7.92 -31.50 -21.14
CA VAL A 65 7.15 -30.41 -21.73
C VAL A 65 6.32 -30.97 -22.87
N ASP A 66 5.00 -30.73 -22.81
CA ASP A 66 4.08 -31.08 -23.89
C ASP A 66 3.40 -29.78 -24.30
N LYS A 67 3.98 -29.11 -25.31
CA LYS A 67 3.42 -27.84 -25.76
C LYS A 67 2.04 -28.02 -26.38
N SER A 68 1.78 -29.18 -26.98
CA SER A 68 0.48 -29.43 -27.58
C SER A 68 -0.63 -29.39 -26.54
N SER A 69 -0.38 -29.97 -25.36
CA SER A 69 -1.35 -29.97 -24.28
C SER A 69 -1.12 -28.84 -23.28
N LYS A 70 -0.18 -27.94 -23.56
CA LYS A 70 0.17 -26.84 -22.65
C LYS A 70 0.40 -27.37 -21.23
N TYR A 71 1.22 -28.42 -21.15
CA TYR A 71 1.36 -29.22 -19.95
C TYR A 71 2.84 -29.51 -19.74
N ILE A 72 3.38 -29.13 -18.58
CA ILE A 72 4.74 -29.49 -18.22
C ILE A 72 4.72 -30.19 -16.87
N SER A 73 5.69 -31.08 -16.65
CA SER A 73 5.71 -31.89 -15.45
C SER A 73 7.14 -32.14 -15.01
N LEU A 74 7.33 -32.23 -13.69
CA LEU A 74 8.62 -32.57 -13.10
C LEU A 74 8.44 -33.84 -12.29
N PHE A 75 9.34 -34.81 -12.52
CA PHE A 75 9.28 -36.11 -11.85
C PHE A 75 10.51 -36.28 -10.99
N ILE A 76 10.34 -36.27 -9.68
CA ILE A 76 11.36 -36.70 -8.75
C ILE A 76 11.16 -38.18 -8.48
N ARG A 77 12.23 -38.97 -8.62
CA ARG A 77 12.17 -40.40 -8.38
C ARG A 77 13.10 -40.76 -7.23
N ASP A 78 12.71 -41.80 -6.49
CA ASP A 78 13.37 -42.17 -5.24
C ASP A 78 13.53 -40.96 -4.33
N SER A 79 12.44 -40.20 -4.20
CA SER A 79 12.47 -38.95 -3.44
C SER A 79 12.85 -39.21 -1.99
N GLN A 80 13.74 -38.38 -1.48
CA GLN A 80 14.19 -38.43 -0.10
C GLN A 80 13.56 -37.29 0.69
N PRO A 81 13.59 -37.37 2.03
CA PRO A 81 13.05 -36.26 2.83
C PRO A 81 13.72 -34.92 2.56
N SER A 82 14.95 -34.90 2.05
CA SER A 82 15.62 -33.65 1.71
C SER A 82 14.99 -32.93 0.53
N ASP A 83 14.10 -33.58 -0.21
CA ASP A 83 13.42 -32.95 -1.33
C ASP A 83 12.20 -32.13 -0.89
N SER A 84 11.84 -32.18 0.39
CA SER A 84 10.70 -31.43 0.89
C SER A 84 10.98 -29.95 0.80
N ALA A 85 10.27 -29.26 -0.09
CA ALA A 85 10.44 -27.82 -0.30
C ALA A 85 9.21 -27.30 -1.04
N THR A 86 9.31 -26.07 -1.54
CA THR A 86 8.28 -25.47 -2.38
C THR A 86 8.82 -25.36 -3.81
N TYR A 87 8.10 -25.96 -4.75
CA TYR A 87 8.55 -26.03 -6.14
C TYR A 87 7.79 -25.03 -6.99
N LEU A 88 8.53 -24.17 -7.69
CA LEU A 88 7.95 -23.16 -8.56
C LEU A 88 8.25 -23.50 -10.01
N CYS A 89 7.20 -23.57 -10.83
CA CYS A 89 7.41 -23.57 -12.27
C CYS A 89 7.48 -22.14 -12.76
N ALA A 90 8.00 -21.98 -13.97
CA ALA A 90 8.13 -20.66 -14.57
C ALA A 90 8.30 -20.84 -16.06
N MET A 91 7.64 -19.98 -16.84
CA MET A 91 7.66 -20.06 -18.28
C MET A 91 8.00 -18.70 -18.87
N SER A 92 8.57 -18.71 -20.07
CA SER A 92 9.10 -17.52 -20.69
C SER A 92 8.86 -17.60 -22.19
N GLY A 93 9.36 -16.60 -22.91
CA GLY A 93 9.42 -16.65 -24.35
C GLY A 93 8.13 -16.39 -25.09
N ASP A 94 7.08 -15.92 -24.41
CA ASP A 94 5.84 -15.54 -25.06
C ASP A 94 5.77 -14.02 -25.10
N LEU A 95 5.97 -13.46 -26.30
CA LEU A 95 5.99 -12.01 -26.45
C LEU A 95 4.66 -11.36 -26.10
N ASN A 96 3.59 -12.15 -25.92
CA ASN A 96 2.27 -11.61 -25.59
C ASN A 96 1.88 -11.78 -24.13
N THR A 97 2.69 -12.48 -23.33
CA THR A 97 2.45 -12.60 -21.90
C THR A 97 3.66 -12.10 -21.15
N ASN A 98 3.45 -11.09 -20.30
CA ASN A 98 4.51 -10.52 -19.46
C ASN A 98 5.69 -10.04 -20.30
N ALA A 99 5.44 -9.69 -21.56
CA ALA A 99 6.48 -9.24 -22.50
C ALA A 99 7.58 -10.28 -22.67
N GLY A 100 7.23 -11.56 -22.57
CA GLY A 100 8.18 -12.64 -22.74
C GLY A 100 8.95 -13.01 -21.50
N LYS A 101 8.90 -12.19 -20.45
CA LYS A 101 9.68 -12.45 -19.24
C LYS A 101 9.17 -13.70 -18.53
N SER A 102 9.87 -14.07 -17.47
CA SER A 102 9.48 -15.24 -16.70
C SER A 102 8.17 -14.99 -15.97
N THR A 103 7.31 -16.01 -15.94
CA THR A 103 6.06 -15.96 -15.19
C THR A 103 5.96 -17.19 -14.32
N PHE A 104 5.79 -16.99 -13.02
CA PHE A 104 5.88 -18.06 -12.03
C PHE A 104 4.51 -18.50 -11.56
N GLY A 105 4.35 -19.81 -11.35
CA GLY A 105 3.24 -20.30 -10.56
C GLY A 105 3.41 -19.97 -9.10
N ASP A 106 2.28 -19.95 -8.39
CA ASP A 106 2.33 -19.63 -6.97
C ASP A 106 3.00 -20.71 -6.14
N GLY A 107 3.16 -21.91 -6.69
CA GLY A 107 4.02 -22.88 -6.06
C GLY A 107 3.27 -24.08 -5.52
N THR A 108 3.97 -25.21 -5.44
CA THR A 108 3.46 -26.44 -4.86
C THR A 108 4.37 -26.83 -3.69
N THR A 109 3.76 -27.19 -2.56
CA THR A 109 4.51 -27.59 -1.38
C THR A 109 4.58 -29.11 -1.31
N LEU A 110 5.79 -29.63 -1.10
CA LEU A 110 6.03 -31.06 -1.07
C LEU A 110 6.59 -31.46 0.29
N THR A 111 6.13 -32.59 0.80
CA THR A 111 6.58 -33.14 2.08
C THR A 111 6.85 -34.63 1.88
N VAL A 112 8.14 -34.99 1.81
CA VAL A 112 8.52 -36.39 1.70
C VAL A 112 8.65 -36.95 3.11
N LYS A 113 7.69 -37.78 3.50
CA LYS A 113 7.64 -38.30 4.86
C LYS A 113 8.67 -39.40 5.05
N PRO A 114 9.57 -39.30 6.03
CA PRO A 114 10.59 -40.33 6.20
C PRO A 114 9.98 -41.68 6.55
N ASN A 115 10.63 -42.74 6.07
CA ASN A 115 10.23 -44.12 6.36
C ASN A 115 10.85 -44.53 7.68
N ILE A 116 10.07 -44.48 8.75
CA ILE A 116 10.56 -44.79 10.09
C ILE A 116 10.41 -46.29 10.29
N GLN A 117 11.48 -47.02 9.97
CA GLN A 117 11.55 -48.43 10.34
C GLN A 117 11.91 -48.56 11.80
N ASN A 118 11.31 -49.54 12.47
CA ASN A 118 11.41 -49.72 13.91
C ASN A 118 11.01 -48.43 14.64
N PRO A 119 9.74 -48.05 14.62
CA PRO A 119 9.32 -46.90 15.43
C PRO A 119 9.53 -47.20 16.91
N ASP A 120 9.86 -46.15 17.67
CA ASP A 120 10.08 -46.27 19.11
C ASP A 120 9.53 -45.03 19.82
N PRO A 121 8.24 -44.76 19.66
CA PRO A 121 7.69 -43.51 20.19
C PRO A 121 7.81 -43.46 21.71
N ALA A 122 8.09 -42.27 22.23
CA ALA A 122 8.30 -42.08 23.65
C ALA A 122 8.37 -40.58 23.94
N VAL A 123 8.11 -40.22 25.19
CA VAL A 123 8.21 -38.85 25.65
C VAL A 123 9.20 -38.81 26.81
N TYR A 124 10.24 -38.00 26.65
CA TYR A 124 11.26 -37.81 27.68
C TYR A 124 11.25 -36.36 28.14
N GLN A 125 11.55 -36.16 29.42
CA GLN A 125 11.65 -34.82 29.99
C GLN A 125 13.13 -34.48 30.15
N LEU A 126 13.51 -33.28 29.71
CA LEU A 126 14.89 -32.85 29.70
C LEU A 126 15.07 -31.67 30.64
N ARG A 127 16.10 -31.73 31.46
CA ARG A 127 16.44 -30.63 32.37
C ARG A 127 17.51 -29.75 31.74
N ASP A 128 17.50 -28.48 32.12
CA ASP A 128 18.42 -27.52 31.53
C ASP A 128 19.85 -27.78 31.98
N SER A 129 20.80 -27.35 31.14
CA SER A 129 22.22 -27.59 31.41
C SER A 129 22.69 -26.85 32.66
N LYS A 130 22.29 -25.59 32.82
CA LYS A 130 22.87 -24.74 33.87
C LYS A 130 21.86 -24.20 34.86
N SER A 131 20.72 -23.70 34.40
CA SER A 131 19.84 -22.88 35.23
C SER A 131 18.44 -22.90 34.63
N SER A 132 17.61 -21.91 35.01
CA SER A 132 16.34 -21.54 34.42
C SER A 132 15.18 -22.44 34.83
N ASP A 133 15.43 -23.55 35.54
CA ASP A 133 14.37 -24.36 36.16
C ASP A 133 13.28 -24.78 35.17
N LYS A 134 13.56 -24.74 33.87
CA LYS A 134 12.58 -25.11 32.86
C LYS A 134 12.81 -26.56 32.43
N SER A 135 11.75 -27.19 31.96
CA SER A 135 11.81 -28.56 31.47
C SER A 135 11.09 -28.63 30.13
N VAL A 136 11.82 -29.06 29.11
CA VAL A 136 11.20 -29.38 27.82
C VAL A 136 10.83 -30.85 27.82
N CYS A 137 9.91 -31.23 26.94
CA CYS A 137 9.51 -32.61 26.78
C CYS A 137 9.68 -33.00 25.32
N LEU A 138 10.42 -34.07 25.07
CA LEU A 138 10.77 -34.50 23.73
C LEU A 138 9.94 -35.73 23.36
N PHE A 139 8.99 -35.53 22.44
CA PHE A 139 8.27 -36.64 21.83
C PHE A 139 9.01 -37.01 20.54
N THR A 140 9.59 -38.21 20.50
CA THR A 140 10.51 -38.57 19.44
C THR A 140 10.35 -40.03 19.04
N ASP A 141 10.99 -40.38 17.92
CA ASP A 141 11.09 -41.76 17.43
C ASP A 141 9.73 -42.36 17.11
N PHE A 142 8.77 -41.54 16.72
CA PHE A 142 7.47 -42.04 16.30
C PHE A 142 7.37 -42.04 14.78
N ASP A 143 6.47 -42.90 14.28
CA ASP A 143 6.29 -43.02 12.84
C ASP A 143 5.74 -41.73 12.26
N SER A 144 6.16 -41.43 11.02
CA SER A 144 5.74 -40.20 10.36
C SER A 144 4.23 -40.12 10.17
N GLN A 145 3.53 -41.25 10.25
CA GLN A 145 2.08 -41.24 10.15
C GLN A 145 1.43 -40.62 11.37
N THR A 146 2.17 -40.47 12.47
CA THR A 146 1.66 -39.79 13.65
C THR A 146 1.76 -38.28 13.46
N ALA A 147 0.69 -37.56 13.81
CA ALA A 147 0.63 -36.12 13.66
C ALA A 147 0.65 -35.45 15.04
N VAL A 148 1.42 -34.38 15.16
CA VAL A 148 1.54 -33.62 16.40
C VAL A 148 0.58 -32.44 16.32
N SER A 149 -0.31 -32.33 17.30
CA SER A 149 -1.31 -31.28 17.32
C SER A 149 -0.77 -30.04 18.03
N GLN A 150 -1.29 -28.88 17.62
CA GLN A 150 -0.92 -27.63 18.25
C GLN A 150 -1.44 -27.58 19.68
N SER A 151 -0.88 -26.66 20.46
CA SER A 151 -1.33 -26.48 21.83
C SER A 151 -2.70 -25.83 21.85
N LYS A 152 -3.63 -26.43 22.59
CA LYS A 152 -4.95 -25.86 22.80
C LYS A 152 -5.02 -25.01 24.05
N ASP A 153 -3.93 -24.92 24.81
CA ASP A 153 -3.85 -24.10 26.01
C ASP A 153 -2.93 -22.92 25.76
N SER A 154 -3.30 -21.76 26.28
CA SER A 154 -2.50 -20.55 26.05
C SER A 154 -1.16 -20.60 26.77
N ASP A 155 -1.10 -21.29 27.92
CA ASP A 155 0.13 -21.31 28.71
C ASP A 155 1.21 -22.16 28.04
N VAL A 156 0.84 -23.32 27.54
CA VAL A 156 1.79 -24.28 26.98
C VAL A 156 1.78 -24.13 25.45
N TYR A 157 2.89 -24.53 24.83
CA TYR A 157 2.96 -24.59 23.37
C TYR A 157 3.79 -25.79 22.93
N ILE A 158 3.54 -26.23 21.71
CA ILE A 158 4.17 -27.41 21.13
C ILE A 158 4.59 -27.08 19.71
N THR A 159 5.76 -27.55 19.32
CA THR A 159 6.27 -27.35 17.96
C THR A 159 5.82 -28.48 17.04
N ASP A 160 5.71 -28.16 15.76
CA ASP A 160 5.34 -29.16 14.76
C ASP A 160 6.42 -30.20 14.63
N LYS A 161 6.02 -31.41 14.22
CA LYS A 161 6.97 -32.50 14.09
C LYS A 161 8.04 -32.14 13.07
N THR A 162 9.29 -32.52 13.39
CA THR A 162 10.42 -32.24 12.53
C THR A 162 11.32 -33.46 12.47
N VAL A 163 12.01 -33.61 11.34
CA VAL A 163 12.83 -34.79 11.07
C VAL A 163 14.30 -34.39 11.14
N LEU A 164 15.07 -35.15 11.92
CA LEU A 164 16.52 -35.02 11.95
C LEU A 164 17.15 -36.27 11.36
N ASP A 165 18.23 -36.09 10.61
CA ASP A 165 18.96 -37.18 9.98
C ASP A 165 20.33 -37.30 10.63
N MET A 166 20.54 -38.39 11.36
CA MET A 166 21.89 -38.77 11.79
C MET A 166 22.54 -39.47 10.60
N ARG A 167 23.16 -38.66 9.73
CA ARG A 167 23.70 -39.18 8.48
C ARG A 167 24.77 -40.23 8.69
N SER A 168 25.40 -40.26 9.87
CA SER A 168 26.48 -41.21 10.12
C SER A 168 25.98 -42.65 10.04
N MET A 169 24.81 -42.93 10.61
CA MET A 169 24.30 -44.29 10.68
C MET A 169 23.00 -44.47 9.88
N ASP A 170 22.72 -43.56 8.95
CA ASP A 170 21.55 -43.65 8.07
C ASP A 170 20.27 -43.82 8.88
N PHE A 171 20.13 -43.00 9.91
CA PHE A 171 19.01 -43.08 10.84
C PHE A 171 18.23 -41.77 10.82
N LYS A 172 16.92 -41.88 10.65
CA LYS A 172 16.01 -40.74 10.69
C LYS A 172 15.00 -40.94 11.81
N SER A 173 14.52 -39.82 12.37
CA SER A 173 13.59 -39.88 13.49
C SER A 173 12.88 -38.53 13.63
N ASN A 174 11.55 -38.57 13.65
CA ASN A 174 10.78 -37.36 13.89
C ASN A 174 10.85 -36.96 15.35
N SER A 175 10.64 -35.67 15.61
CA SER A 175 10.70 -35.16 16.97
C SER A 175 9.84 -33.90 17.10
N ALA A 176 9.40 -33.64 18.33
CA ALA A 176 8.68 -32.42 18.65
C ALA A 176 8.85 -32.16 20.15
N VAL A 177 8.91 -30.88 20.51
CA VAL A 177 9.24 -30.48 21.87
C VAL A 177 8.12 -29.61 22.43
N ALA A 178 7.94 -29.67 23.74
CA ALA A 178 6.93 -28.89 24.44
C ALA A 178 7.47 -28.42 25.78
N TRP A 179 7.14 -27.17 26.13
CA TRP A 179 7.62 -26.60 27.39
C TRP A 179 6.66 -25.50 27.83
N SER A 180 6.69 -25.23 29.14
CA SER A 180 5.87 -24.17 29.72
C SER A 180 6.39 -23.88 31.12
N ALA A 181 5.84 -22.82 31.72
CA ALA A 181 6.18 -22.43 33.08
C ALA A 181 5.09 -22.74 34.10
N LYS A 182 3.84 -22.91 33.65
CA LYS A 182 2.77 -23.27 34.58
C LYS A 182 3.02 -24.66 35.14
N SER A 183 2.85 -24.82 36.45
CA SER A 183 3.27 -26.02 37.14
C SER A 183 2.37 -27.22 36.87
N ASP A 184 1.11 -27.00 36.48
CA ASP A 184 0.18 -28.11 36.29
C ASP A 184 0.48 -28.93 35.03
N PHE A 185 1.56 -28.62 34.32
CA PHE A 185 1.98 -29.38 33.16
C PHE A 185 3.28 -30.12 33.48
N ALA A 186 3.34 -31.39 33.06
CA ALA A 186 4.49 -32.24 33.36
C ALA A 186 4.89 -33.00 32.09
N CYS A 187 5.81 -33.95 32.23
CA CYS A 187 6.35 -34.65 31.07
C CYS A 187 5.27 -35.44 30.34
N ALA A 188 4.41 -36.13 31.07
CA ALA A 188 3.41 -37.00 30.47
C ALA A 188 2.14 -36.28 30.06
N ASN A 189 2.09 -34.94 30.20
CA ASN A 189 0.88 -34.16 29.98
C ASN A 189 0.84 -33.48 28.60
N ALA A 190 1.94 -32.87 28.16
CA ALA A 190 1.90 -31.92 27.04
C ALA A 190 1.35 -32.51 25.76
N PHE A 191 1.54 -33.81 25.55
CA PHE A 191 1.29 -34.42 24.26
C PHE A 191 0.01 -35.27 24.28
N ALA A 192 -1.01 -34.81 25.00
CA ALA A 192 -2.27 -35.53 25.08
C ALA A 192 -3.12 -35.27 23.83
N ASN A 193 -2.52 -35.58 22.68
CA ASN A 193 -3.18 -35.35 21.40
C ASN A 193 -2.64 -36.34 20.38
N SER A 194 -3.48 -37.31 20.00
CA SER A 194 -3.18 -38.27 18.92
C SER A 194 -1.93 -39.10 19.23
N ILE A 195 -2.04 -39.93 20.27
CA ILE A 195 -0.93 -40.78 20.70
C ILE A 195 -1.25 -42.24 20.40
N ILE A 196 -0.20 -43.07 20.49
CA ILE A 196 -0.27 -44.53 20.39
C ILE A 196 0.35 -45.02 21.71
N PRO A 197 0.55 -46.33 21.95
CA PRO A 197 1.30 -46.70 23.17
C PRO A 197 2.80 -46.42 23.09
N GLU A 198 3.28 -45.42 23.85
CA GLU A 198 4.71 -45.13 23.95
C GLU A 198 5.29 -45.67 25.25
N ASP A 199 6.53 -45.25 25.52
CA ASP A 199 7.18 -45.42 26.81
C ASP A 199 7.31 -44.06 27.47
N THR A 200 7.02 -44.00 28.77
CA THR A 200 7.15 -42.75 29.52
C THR A 200 7.95 -42.97 30.80
N GLY B 3 27.97 -16.18 -7.53
CA GLY B 3 26.62 -16.22 -8.06
C GLY B 3 25.94 -14.86 -8.07
N VAL B 4 24.99 -14.68 -7.17
CA VAL B 4 24.29 -13.40 -7.00
C VAL B 4 24.29 -13.09 -5.51
N THR B 5 25.18 -12.20 -5.08
CA THR B 5 25.30 -11.83 -3.68
C THR B 5 24.41 -10.62 -3.41
N GLN B 6 23.52 -10.75 -2.43
CA GLN B 6 22.66 -9.63 -2.01
C GLN B 6 22.72 -9.51 -0.50
N THR B 7 22.63 -8.28 -0.02
CA THR B 7 22.80 -7.96 1.38
C THR B 7 21.83 -6.85 1.78
N PRO B 8 21.41 -6.81 3.06
CA PRO B 8 21.70 -7.84 4.06
C PRO B 8 20.60 -8.90 4.11
N LYS B 9 20.86 -10.03 4.76
CA LYS B 9 19.87 -11.10 4.80
C LYS B 9 18.71 -10.80 5.74
N PHE B 10 18.91 -9.93 6.73
CA PHE B 10 17.85 -9.57 7.66
C PHE B 10 17.99 -8.09 8.01
N GLN B 11 16.86 -7.47 8.39
CA GLN B 11 16.90 -6.06 8.74
C GLN B 11 15.61 -5.61 9.41
N VAL B 12 15.73 -4.63 10.29
CA VAL B 12 14.61 -3.93 10.89
C VAL B 12 14.83 -2.43 10.69
N LEU B 13 13.80 -1.73 10.22
CA LEU B 13 13.84 -0.29 10.09
C LEU B 13 12.48 0.31 10.42
N LYS B 14 12.51 1.52 10.97
CA LYS B 14 11.29 2.20 11.38
C LYS B 14 10.56 2.77 10.18
N THR B 15 9.24 2.97 10.35
CA THR B 15 8.43 3.51 9.27
C THR B 15 8.90 4.89 8.86
N GLY B 16 8.81 5.17 7.57
CA GLY B 16 9.26 6.43 7.01
C GLY B 16 10.73 6.48 6.65
N GLN B 17 11.50 5.47 7.03
CA GLN B 17 12.92 5.45 6.75
C GLN B 17 13.19 4.99 5.32
N SER B 18 14.29 5.50 4.76
CA SER B 18 14.75 5.08 3.44
C SER B 18 15.88 4.07 3.58
N MET B 19 15.98 3.18 2.59
CA MET B 19 17.00 2.15 2.65
C MET B 19 17.26 1.59 1.26
N THR B 20 18.53 1.27 1.00
CA THR B 20 18.94 0.62 -0.24
C THR B 20 19.31 -0.84 0.06
N LEU B 21 18.83 -1.75 -0.78
CA LEU B 21 19.16 -3.16 -0.69
C LEU B 21 20.20 -3.48 -1.76
N GLN B 22 21.38 -3.93 -1.33
CA GLN B 22 22.49 -4.15 -2.26
C GLN B 22 22.40 -5.53 -2.89
N CYS B 23 22.66 -5.59 -4.19
CA CYS B 23 22.71 -6.86 -4.91
C CYS B 23 23.70 -6.73 -6.06
N ALA B 24 24.72 -7.58 -6.06
CA ALA B 24 25.77 -7.55 -7.07
C ALA B 24 26.03 -8.95 -7.59
N GLN B 25 26.46 -9.02 -8.85
CA GLN B 25 26.74 -10.29 -9.52
C GLN B 25 28.07 -10.20 -10.26
N ASP B 26 28.82 -11.31 -10.24
CA ASP B 26 30.07 -11.42 -10.98
C ASP B 26 29.91 -12.11 -12.33
N MET B 27 28.78 -12.77 -12.57
CA MET B 27 28.56 -13.62 -13.73
C MET B 27 28.44 -12.84 -15.04
N ASN B 28 28.59 -11.52 -15.02
CA ASN B 28 28.52 -10.67 -16.21
C ASN B 28 27.15 -10.71 -16.88
N HIS B 29 26.10 -11.04 -16.13
CA HIS B 29 24.78 -11.14 -16.73
C HIS B 29 24.23 -9.75 -17.04
N GLU B 30 23.48 -9.69 -18.15
CA GLU B 30 22.92 -8.42 -18.61
C GLU B 30 21.62 -8.08 -17.88
N TYR B 31 20.78 -9.07 -17.64
CA TYR B 31 19.44 -8.87 -17.09
C TYR B 31 19.46 -9.05 -15.59
N MET B 32 18.86 -8.11 -14.87
CA MET B 32 18.69 -8.22 -13.42
C MET B 32 17.29 -7.75 -13.05
N SER B 33 16.75 -8.31 -11.96
CA SER B 33 15.40 -7.99 -11.55
C SER B 33 15.27 -8.18 -10.04
N TRP B 34 14.35 -7.42 -9.44
CA TRP B 34 14.05 -7.49 -8.02
C TRP B 34 12.64 -8.02 -7.84
N TYR B 35 12.50 -9.05 -7.02
CA TYR B 35 11.18 -9.59 -6.68
C TYR B 35 10.89 -9.36 -5.20
N ARG B 36 9.60 -9.45 -4.86
CA ARG B 36 9.16 -9.58 -3.49
C ARG B 36 8.25 -10.78 -3.41
N GLN B 37 8.40 -11.58 -2.36
CA GLN B 37 7.67 -12.82 -2.21
C GLN B 37 6.75 -12.73 -1.01
N ASP B 38 5.48 -13.03 -1.22
CA ASP B 38 4.46 -12.91 -0.19
C ASP B 38 3.58 -14.15 -0.19
N PRO B 39 3.02 -14.51 0.97
CA PRO B 39 2.11 -15.66 1.02
C PRO B 39 0.77 -15.30 0.41
N GLY B 40 0.29 -16.17 -0.49
CA GLY B 40 -0.93 -15.91 -1.23
C GLY B 40 -0.76 -15.02 -2.43
N MET B 41 0.44 -14.50 -2.67
CA MET B 41 0.71 -13.64 -3.81
C MET B 41 1.82 -14.14 -4.71
N GLY B 42 2.60 -15.13 -4.28
CA GLY B 42 3.68 -15.63 -5.10
C GLY B 42 4.83 -14.63 -5.18
N LEU B 43 5.66 -14.83 -6.20
CA LEU B 43 6.80 -13.95 -6.47
C LEU B 43 6.34 -12.84 -7.42
N ARG B 44 6.33 -11.60 -6.94
CA ARG B 44 5.85 -10.47 -7.72
C ARG B 44 7.02 -9.56 -8.07
N LEU B 45 7.07 -9.14 -9.32
CA LEU B 45 8.21 -8.39 -9.85
C LEU B 45 8.09 -6.91 -9.51
N ILE B 46 9.15 -6.36 -8.91
CA ILE B 46 9.19 -4.95 -8.51
C ILE B 46 9.77 -4.10 -9.62
N HIS B 47 11.02 -4.35 -9.98
CA HIS B 47 11.68 -3.66 -11.07
C HIS B 47 12.55 -4.65 -11.82
N TYR B 48 12.92 -4.30 -13.05
CA TYR B 48 13.86 -5.11 -13.81
C TYR B 48 14.73 -4.21 -14.67
N SER B 49 15.98 -4.62 -14.86
CA SER B 49 16.95 -3.90 -15.67
C SER B 49 17.50 -4.84 -16.73
N VAL B 50 17.31 -4.49 -18.00
CA VAL B 50 17.81 -5.33 -19.10
C VAL B 50 19.27 -5.06 -19.42
N GLY B 51 19.83 -3.97 -18.93
CA GLY B 51 21.22 -3.64 -19.19
C GLY B 51 21.62 -2.42 -18.40
N ALA B 52 22.89 -2.06 -18.55
CA ALA B 52 23.40 -0.88 -17.85
C ALA B 52 22.67 0.36 -18.33
N GLY B 53 22.16 1.14 -17.36
CA GLY B 53 21.50 2.39 -17.67
C GLY B 53 20.04 2.29 -18.06
N ILE B 54 19.44 1.11 -18.03
CA ILE B 54 18.04 0.91 -18.40
C ILE B 54 17.34 0.14 -17.28
N THR B 55 16.31 0.74 -16.70
CA THR B 55 15.47 0.08 -15.71
C THR B 55 13.99 0.29 -16.09
N ASP B 56 13.14 -0.59 -15.58
CA ASP B 56 11.72 -0.48 -15.85
C ASP B 56 10.92 -1.01 -14.66
N GLN B 57 9.67 -0.57 -14.59
CA GLN B 57 8.77 -0.99 -13.52
C GLN B 57 8.31 -2.43 -13.73
N GLY B 58 8.13 -3.14 -12.62
CA GLY B 58 7.62 -4.49 -12.68
C GLY B 58 6.11 -4.54 -12.55
N GLU B 59 5.62 -5.43 -11.68
CA GLU B 59 4.19 -5.53 -11.40
C GLU B 59 3.76 -4.75 -10.17
N VAL B 60 4.64 -4.62 -9.18
CA VAL B 60 4.34 -3.85 -7.97
C VAL B 60 5.48 -2.86 -7.69
N PRO B 61 5.66 -1.85 -8.55
CA PRO B 61 6.83 -0.96 -8.40
C PRO B 61 6.64 0.16 -7.40
N ASN B 62 5.40 0.55 -7.10
CA ASN B 62 5.16 1.71 -6.23
C ASN B 62 5.77 1.50 -4.85
N GLY B 63 6.43 2.54 -4.36
CA GLY B 63 7.12 2.49 -3.09
C GLY B 63 8.57 2.07 -3.16
N TYR B 64 9.06 1.67 -4.34
CA TYR B 64 10.43 1.23 -4.53
C TYR B 64 11.07 2.02 -5.66
N ALA B 65 12.40 1.95 -5.75
CA ALA B 65 13.15 2.57 -6.83
C ALA B 65 14.50 1.88 -6.97
N VAL B 66 14.98 1.77 -8.21
CA VAL B 66 16.23 1.10 -8.53
C VAL B 66 17.06 2.00 -9.44
N SER B 67 18.22 1.49 -9.83
CA SER B 67 19.13 2.16 -10.76
C SER B 67 20.20 1.17 -11.18
N ARG B 68 20.62 1.26 -12.45
CA ARG B 68 21.67 0.39 -12.99
C ARG B 68 22.77 1.26 -13.57
N SER B 69 23.67 1.72 -12.70
CA SER B 69 24.81 2.50 -13.16
C SER B 69 25.83 1.63 -13.88
N THR B 70 26.08 0.44 -13.34
CA THR B 70 27.02 -0.51 -13.91
C THR B 70 26.31 -1.84 -14.13
N THR B 71 26.85 -2.64 -15.06
CA THR B 71 26.26 -3.94 -15.36
C THR B 71 26.29 -4.86 -14.13
N GLU B 72 27.27 -4.65 -13.24
CA GLU B 72 27.49 -5.60 -12.15
C GLU B 72 26.45 -5.48 -11.03
N ASP B 73 25.97 -4.27 -10.74
CA ASP B 73 25.15 -4.02 -9.55
C ASP B 73 23.72 -3.61 -9.91
N PHE B 74 22.83 -3.71 -8.92
CA PHE B 74 21.41 -3.36 -9.09
C PHE B 74 20.75 -3.03 -7.76
N PRO B 75 21.13 -1.93 -7.11
CA PRO B 75 20.53 -1.61 -5.80
C PRO B 75 19.04 -1.28 -5.91
N LEU B 76 18.33 -1.53 -4.81
CA LEU B 76 16.89 -1.29 -4.73
C LEU B 76 16.59 -0.43 -3.50
N ARG B 77 15.91 0.70 -3.71
CA ARG B 77 15.65 1.65 -2.64
C ARG B 77 14.21 1.55 -2.15
N LEU B 78 14.03 1.75 -0.84
CA LEU B 78 12.72 2.00 -0.26
C LEU B 78 12.63 3.48 0.08
N LEU B 79 11.64 4.17 -0.50
CA LEU B 79 11.56 5.62 -0.31
C LEU B 79 11.05 5.97 1.08
N SER B 80 10.06 5.23 1.59
CA SER B 80 9.49 5.52 2.90
C SER B 80 8.90 4.22 3.44
N ALA B 81 9.58 3.61 4.40
CA ALA B 81 9.20 2.28 4.86
C ALA B 81 7.76 2.27 5.37
N ALA B 82 6.97 1.32 4.87
CA ALA B 82 5.57 1.16 5.24
C ALA B 82 5.32 -0.28 5.64
N PRO B 83 4.29 -0.53 6.46
CA PRO B 83 4.01 -1.92 6.88
C PRO B 83 3.79 -2.86 5.71
N SER B 84 3.29 -2.37 4.59
CA SER B 84 3.11 -3.20 3.40
C SER B 84 4.43 -3.66 2.80
N GLN B 85 5.55 -3.08 3.21
CA GLN B 85 6.85 -3.44 2.67
C GLN B 85 7.58 -4.47 3.53
N THR B 86 6.94 -5.01 4.56
CA THR B 86 7.47 -6.18 5.27
C THR B 86 7.32 -7.39 4.36
N SER B 87 8.40 -7.80 3.74
CA SER B 87 8.35 -8.90 2.79
C SER B 87 9.71 -9.61 2.79
N VAL B 88 9.85 -10.58 1.89
CA VAL B 88 11.14 -11.18 1.58
C VAL B 88 11.49 -10.78 0.16
N TYR B 89 12.68 -10.20 -0.01
CA TYR B 89 13.10 -9.61 -1.28
C TYR B 89 14.21 -10.46 -1.87
N PHE B 90 14.04 -10.85 -3.13
CA PHE B 90 15.01 -11.69 -3.84
C PHE B 90 15.54 -10.93 -5.04
N CYS B 91 16.87 -10.81 -5.10
CA CYS B 91 17.53 -10.35 -6.33
C CYS B 91 17.72 -11.51 -7.28
N ALA B 92 17.79 -11.20 -8.57
CA ALA B 92 17.97 -12.23 -9.59
C ALA B 92 18.73 -11.65 -10.77
N SER B 93 19.48 -12.52 -11.44
CA SER B 93 20.25 -12.14 -12.62
C SER B 93 20.01 -13.18 -13.71
N SER B 94 20.20 -12.75 -14.96
CA SER B 94 19.96 -13.64 -16.08
C SER B 94 20.72 -13.10 -17.29
N GLN B 95 20.95 -13.99 -18.26
CA GLN B 95 21.60 -13.59 -19.50
C GLN B 95 20.67 -12.79 -20.40
N GLY B 96 19.37 -12.87 -20.19
CA GLY B 96 18.41 -12.12 -20.97
C GLY B 96 17.02 -12.21 -20.37
N PRO B 97 16.07 -11.46 -20.95
CA PRO B 97 14.69 -11.55 -20.46
C PRO B 97 14.08 -12.94 -20.59
N PHE B 98 14.44 -13.68 -21.64
CA PHE B 98 13.91 -15.02 -21.84
C PHE B 98 14.61 -16.04 -20.94
N GLN B 99 15.91 -15.85 -20.71
CA GLN B 99 16.73 -16.86 -20.06
C GLN B 99 16.32 -17.05 -18.59
N PRO B 100 16.58 -18.24 -18.04
CA PRO B 100 16.28 -18.46 -16.61
C PRO B 100 17.09 -17.53 -15.72
N GLN B 101 16.47 -17.16 -14.59
CA GLN B 101 17.12 -16.32 -13.59
C GLN B 101 17.65 -17.17 -12.44
N HIS B 102 18.74 -16.70 -11.84
CA HIS B 102 19.32 -17.32 -10.66
C HIS B 102 19.20 -16.33 -9.50
N PHE B 103 18.54 -16.76 -8.43
CA PHE B 103 18.13 -15.85 -7.36
C PHE B 103 19.18 -15.77 -6.26
N GLY B 104 19.20 -14.63 -5.57
CA GLY B 104 20.02 -14.48 -4.39
C GLY B 104 19.42 -15.20 -3.20
N ASP B 105 20.18 -15.20 -2.08
CA ASP B 105 19.74 -15.93 -0.90
C ASP B 105 18.49 -15.31 -0.29
N GLY B 106 18.40 -13.98 -0.29
CA GLY B 106 17.19 -13.33 0.18
C GLY B 106 17.38 -12.33 1.30
N THR B 107 16.63 -11.23 1.24
CA THR B 107 16.61 -10.21 2.28
C THR B 107 15.24 -10.24 2.96
N ARG B 108 15.22 -10.60 4.23
CA ARG B 108 13.99 -10.62 5.01
C ARG B 108 13.85 -9.28 5.72
N LEU B 109 12.81 -8.53 5.35
CA LEU B 109 12.62 -7.15 5.81
C LEU B 109 11.43 -7.06 6.75
N SER B 110 11.53 -6.17 7.73
CA SER B 110 10.48 -5.99 8.73
C SER B 110 10.34 -4.51 9.05
N ILE B 111 9.21 -3.92 8.66
CA ILE B 111 8.90 -2.53 8.94
C ILE B 111 8.08 -2.48 10.23
N LEU B 112 8.49 -1.64 11.17
CA LEU B 112 7.82 -1.51 12.46
C LEU B 112 7.56 -0.05 12.78
N GLU B 113 6.38 0.23 13.33
CA GLU B 113 6.05 1.60 13.71
C GLU B 113 6.80 2.04 14.96
N ASP B 114 7.28 1.09 15.78
CA ASP B 114 7.89 1.44 17.05
C ASP B 114 8.98 0.42 17.35
N LEU B 115 10.20 0.92 17.60
CA LEU B 115 11.35 0.05 17.77
C LEU B 115 11.48 -0.54 19.17
N LYS B 116 10.64 -0.14 20.13
CA LYS B 116 10.65 -0.78 21.42
C LYS B 116 9.94 -2.13 21.43
N ASN B 117 9.60 -2.64 20.24
CA ASN B 117 9.12 -4.01 20.08
C ASN B 117 10.21 -4.96 19.58
N VAL B 118 11.33 -4.42 19.10
CA VAL B 118 12.49 -5.24 18.73
C VAL B 118 13.18 -5.66 20.02
N PHE B 119 13.33 -6.98 20.21
CA PHE B 119 13.89 -7.51 21.45
C PHE B 119 14.72 -8.76 21.19
N PRO B 120 15.91 -8.86 21.78
CA PRO B 120 16.80 -10.01 21.51
C PRO B 120 16.24 -11.30 22.11
N PRO B 121 16.76 -12.46 21.71
CA PRO B 121 16.27 -13.72 22.25
C PRO B 121 17.00 -14.15 23.52
N GLU B 122 16.49 -15.21 24.13
CA GLU B 122 17.10 -15.86 25.29
C GLU B 122 17.32 -17.33 24.92
N VAL B 123 18.57 -17.79 25.03
CA VAL B 123 18.97 -19.11 24.56
C VAL B 123 19.27 -19.99 25.77
N ALA B 124 18.70 -21.20 25.76
CA ALA B 124 18.94 -22.19 26.79
C ALA B 124 19.05 -23.57 26.16
N VAL B 125 20.01 -24.37 26.64
CA VAL B 125 20.22 -25.74 26.19
C VAL B 125 19.76 -26.68 27.29
N PHE B 126 19.02 -27.72 26.90
CA PHE B 126 18.50 -28.72 27.83
C PHE B 126 19.20 -30.04 27.57
N GLU B 127 19.81 -30.59 28.62
CA GLU B 127 20.62 -31.79 28.47
C GLU B 127 19.73 -33.00 28.20
N PRO B 128 20.26 -34.01 27.50
CA PRO B 128 19.44 -35.17 27.14
C PRO B 128 18.93 -35.93 28.36
N SER B 129 17.78 -36.56 28.20
CA SER B 129 17.19 -37.36 29.27
C SER B 129 18.03 -38.60 29.54
N GLU B 130 18.19 -38.93 30.82
CA GLU B 130 18.92 -40.12 31.19
C GLU B 130 18.22 -41.38 30.68
N ALA B 131 16.88 -41.35 30.58
CA ALA B 131 16.14 -42.50 30.08
C ALA B 131 16.35 -42.70 28.59
N GLU B 132 16.45 -41.60 27.83
CA GLU B 132 16.63 -41.71 26.39
C GLU B 132 17.93 -42.43 26.05
N ILE B 133 19.00 -42.12 26.77
CA ILE B 133 20.28 -42.77 26.52
C ILE B 133 20.16 -44.28 26.73
N SER B 134 19.49 -44.68 27.81
CA SER B 134 19.36 -46.10 28.12
C SER B 134 18.40 -46.82 27.18
N HIS B 135 17.48 -46.10 26.55
CA HIS B 135 16.47 -46.72 25.69
C HIS B 135 16.85 -46.76 24.22
N THR B 136 17.49 -45.70 23.71
CA THR B 136 17.80 -45.61 22.30
C THR B 136 19.30 -45.57 21.99
N GLN B 137 20.15 -45.48 23.02
CA GLN B 137 21.60 -45.28 22.84
C GLN B 137 21.89 -44.05 22.00
N LYS B 138 20.98 -43.08 22.03
CA LYS B 138 21.17 -41.78 21.41
C LYS B 138 20.84 -40.71 22.45
N ALA B 139 21.41 -39.52 22.26
CA ALA B 139 21.19 -38.40 23.16
C ALA B 139 20.77 -37.19 22.36
N THR B 140 19.63 -36.60 22.73
CA THR B 140 19.09 -35.43 22.07
C THR B 140 19.18 -34.23 23.01
N LEU B 141 19.90 -33.19 22.58
CA LEU B 141 19.92 -31.91 23.27
C LEU B 141 18.97 -30.96 22.55
N VAL B 142 18.11 -30.28 23.30
CA VAL B 142 17.17 -29.31 22.77
C VAL B 142 17.55 -27.92 23.24
N CYS B 143 17.65 -26.99 22.29
CA CYS B 143 18.07 -25.63 22.57
C CYS B 143 16.93 -24.68 22.20
N LEU B 144 16.53 -23.84 23.14
CA LEU B 144 15.39 -22.95 22.98
C LEU B 144 15.84 -21.51 22.86
N ALA B 145 15.42 -20.84 21.79
CA ALA B 145 15.57 -19.40 21.64
C ALA B 145 14.20 -18.77 21.80
N THR B 146 14.01 -18.05 22.90
CA THR B 146 12.70 -17.57 23.31
C THR B 146 12.69 -16.05 23.42
N GLY B 147 11.51 -15.47 23.21
CA GLY B 147 11.27 -14.06 23.45
C GLY B 147 12.03 -13.08 22.57
N PHE B 148 12.06 -13.32 21.27
CA PHE B 148 12.72 -12.42 20.34
C PHE B 148 11.74 -11.89 19.31
N TYR B 149 11.99 -10.65 18.87
CA TYR B 149 11.19 -10.01 17.85
C TYR B 149 12.08 -9.02 17.09
N PRO B 150 12.04 -9.02 15.75
CA PRO B 150 11.22 -9.92 14.94
C PRO B 150 11.91 -11.25 14.65
N ASP B 151 11.45 -11.94 13.61
CA ASP B 151 11.97 -13.26 13.27
C ASP B 151 13.18 -13.16 12.34
N HIS B 152 14.23 -12.53 12.86
CA HIS B 152 15.53 -12.47 12.19
C HIS B 152 16.54 -13.20 13.08
N VAL B 153 16.62 -14.51 12.93
CA VAL B 153 17.54 -15.34 13.71
C VAL B 153 18.15 -16.41 12.82
N GLU B 154 19.37 -16.82 13.18
CA GLU B 154 20.03 -17.98 12.59
C GLU B 154 20.60 -18.81 13.72
N LEU B 155 20.15 -20.05 13.84
CA LEU B 155 20.56 -20.93 14.92
C LEU B 155 21.54 -21.96 14.39
N SER B 156 22.68 -22.10 15.07
CA SER B 156 23.72 -23.05 14.69
C SER B 156 24.13 -23.88 15.88
N TRP B 157 24.63 -25.08 15.61
CA TRP B 157 25.14 -26.00 16.62
C TRP B 157 26.64 -26.14 16.48
N TRP B 158 27.36 -25.89 17.56
CA TRP B 158 28.82 -25.97 17.57
C TRP B 158 29.25 -26.98 18.62
N VAL B 159 29.89 -28.06 18.16
CA VAL B 159 30.50 -29.03 19.06
C VAL B 159 32.01 -28.87 18.96
N ASN B 160 32.65 -28.68 20.12
CA ASN B 160 34.09 -28.41 20.19
C ASN B 160 34.50 -27.28 19.25
N GLY B 161 33.68 -26.23 19.22
CA GLY B 161 33.98 -25.07 18.41
C GLY B 161 34.02 -25.31 16.91
N LYS B 162 33.09 -26.10 16.40
CA LYS B 162 32.99 -26.34 14.96
C LYS B 162 31.54 -26.64 14.61
N GLU B 163 31.01 -25.92 13.63
CA GLU B 163 29.60 -26.04 13.28
C GLU B 163 29.31 -27.43 12.70
N VAL B 164 28.20 -28.01 13.14
CA VAL B 164 27.81 -29.36 12.73
C VAL B 164 26.48 -29.30 12.01
N HIS B 165 26.25 -30.31 11.19
CA HIS B 165 24.99 -30.44 10.45
C HIS B 165 24.34 -31.79 10.63
N SER B 166 25.13 -32.86 10.73
CA SER B 166 24.57 -34.20 10.92
C SER B 166 23.94 -34.30 12.30
N GLY B 167 22.70 -34.80 12.36
CA GLY B 167 21.99 -34.92 13.61
C GLY B 167 21.32 -33.67 14.11
N VAL B 168 21.28 -32.62 13.29
CA VAL B 168 20.70 -31.33 13.69
C VAL B 168 19.32 -31.21 13.05
N SER B 169 18.34 -30.79 13.86
CA SER B 169 17.00 -30.47 13.36
C SER B 169 16.56 -29.16 14.00
N THR B 170 16.32 -28.16 13.16
CA THR B 170 15.86 -26.85 13.61
C THR B 170 14.46 -26.61 13.07
N ASP B 171 13.58 -26.10 13.92
CA ASP B 171 12.19 -25.90 13.54
C ASP B 171 12.11 -24.91 12.38
N PRO B 172 11.36 -25.21 11.32
CA PRO B 172 11.39 -24.34 10.13
C PRO B 172 10.84 -22.95 10.39
N GLN B 173 9.85 -22.82 11.28
CA GLN B 173 9.23 -21.53 11.56
C GLN B 173 9.00 -21.40 13.06
N PRO B 174 9.13 -20.20 13.61
CA PRO B 174 9.01 -20.03 15.06
C PRO B 174 7.56 -20.07 15.54
N LEU B 175 7.42 -20.24 16.85
CA LEU B 175 6.13 -20.22 17.51
C LEU B 175 5.81 -18.81 17.97
N LYS B 176 4.54 -18.42 17.82
CA LYS B 176 4.06 -17.17 18.40
C LYS B 176 3.85 -17.41 19.89
N GLU B 177 4.67 -16.75 20.72
CA GLU B 177 4.56 -16.93 22.16
C GLU B 177 3.20 -16.47 22.68
N GLN B 178 2.71 -15.35 22.16
CA GLN B 178 1.40 -14.82 22.53
C GLN B 178 0.65 -14.57 21.22
N PRO B 179 0.09 -15.63 20.63
CA PRO B 179 -0.40 -15.52 19.23
C PRO B 179 -1.48 -14.48 19.03
N ALA B 180 -2.15 -14.05 20.09
CA ALA B 180 -3.19 -13.02 19.96
C ALA B 180 -2.63 -11.66 19.60
N LEU B 181 -1.31 -11.46 19.65
CA LEU B 181 -0.69 -10.16 19.42
C LEU B 181 -0.32 -9.99 17.95
N ALA B 182 -0.48 -8.76 17.45
CA ALA B 182 -0.11 -8.47 16.07
C ALA B 182 1.40 -8.46 15.89
N ASP B 183 2.15 -8.18 16.95
CA ASP B 183 3.61 -8.16 16.94
C ASP B 183 4.15 -8.99 18.09
N SER B 184 3.60 -10.20 18.24
CA SER B 184 4.00 -11.08 19.32
C SER B 184 5.45 -11.52 19.18
N ARG B 185 6.13 -11.67 20.32
CA ARG B 185 7.46 -12.23 20.34
C ARG B 185 7.41 -13.72 19.97
N TYR B 186 8.54 -14.22 19.47
CA TYR B 186 8.63 -15.58 18.98
C TYR B 186 9.51 -16.45 19.89
N ALA B 187 9.33 -17.76 19.75
CA ALA B 187 10.24 -18.75 20.31
C ALA B 187 10.58 -19.75 19.22
N LEU B 188 11.80 -20.27 19.27
CA LEU B 188 12.27 -21.22 18.28
C LEU B 188 13.04 -22.33 18.98
N SER B 189 12.84 -23.57 18.52
CA SER B 189 13.44 -24.74 19.13
C SER B 189 14.22 -25.53 18.10
N SER B 190 15.31 -26.15 18.54
CA SER B 190 16.11 -27.03 17.70
C SER B 190 16.71 -28.12 18.57
N ARG B 191 17.02 -29.25 17.96
CA ARG B 191 17.58 -30.38 18.68
C ARG B 191 18.75 -30.96 17.91
N LEU B 192 19.77 -31.40 18.64
CA LEU B 192 20.93 -32.07 18.09
C LEU B 192 21.01 -33.47 18.69
N ARG B 193 20.96 -34.49 17.84
CA ARG B 193 20.98 -35.88 18.27
C ARG B 193 22.34 -36.49 17.97
N VAL B 194 22.97 -37.05 19.00
CA VAL B 194 24.27 -37.68 18.89
C VAL B 194 24.20 -39.05 19.55
N SER B 195 25.22 -39.87 19.31
CA SER B 195 25.29 -41.17 19.95
C SER B 195 25.43 -41.02 21.46
N ALA B 196 24.97 -42.04 22.19
CA ALA B 196 25.06 -42.00 23.65
C ALA B 196 26.52 -41.93 24.10
N THR B 197 27.40 -42.69 23.45
CA THR B 197 28.81 -42.65 23.79
C THR B 197 29.40 -41.27 23.56
N PHE B 198 28.97 -40.59 22.48
CA PHE B 198 29.48 -39.25 22.21
C PHE B 198 29.06 -38.27 23.30
N TRP B 199 27.82 -38.37 23.79
CA TRP B 199 27.38 -37.48 24.85
C TRP B 199 28.15 -37.72 26.14
N GLN B 200 28.44 -38.99 26.44
CA GLN B 200 29.10 -39.33 27.70
C GLN B 200 30.61 -39.16 27.65
N ASN B 201 31.14 -38.55 26.59
CA ASN B 201 32.54 -38.15 26.57
C ASN B 201 32.64 -36.76 27.18
N PRO B 202 33.16 -36.62 28.41
CA PRO B 202 33.15 -35.31 29.06
C PRO B 202 33.98 -34.25 28.35
N ARG B 203 34.87 -34.66 27.45
CA ARG B 203 35.68 -33.74 26.67
C ARG B 203 34.95 -33.18 25.46
N ASN B 204 33.63 -33.38 25.37
CA ASN B 204 32.84 -32.91 24.24
C ASN B 204 32.07 -31.66 24.65
N HIS B 205 32.30 -30.57 23.93
CA HIS B 205 31.72 -29.26 24.23
C HIS B 205 30.56 -28.99 23.28
N PHE B 206 29.37 -28.76 23.81
CA PHE B 206 28.16 -28.54 23.02
C PHE B 206 27.71 -27.10 23.21
N ARG B 207 27.79 -26.31 22.15
CA ARG B 207 27.39 -24.91 22.18
CA ARG B 207 27.40 -24.90 22.18
C ARG B 207 26.29 -24.68 21.15
N CYS B 208 25.13 -24.21 21.62
CA CYS B 208 24.04 -23.83 20.74
C CYS B 208 24.05 -22.31 20.63
N GLN B 209 24.31 -21.80 19.43
CA GLN B 209 24.51 -20.38 19.21
C GLN B 209 23.44 -19.86 18.26
N VAL B 210 22.80 -18.76 18.67
CA VAL B 210 21.77 -18.11 17.87
C VAL B 210 22.26 -16.71 17.52
N GLN B 211 22.29 -16.40 16.24
CA GLN B 211 22.67 -15.07 15.77
C GLN B 211 21.40 -14.27 15.51
N PHE B 212 21.23 -13.17 16.23
CA PHE B 212 20.04 -12.34 16.14
C PHE B 212 20.38 -11.04 15.42
N TYR B 213 19.54 -10.67 14.47
CA TYR B 213 19.68 -9.42 13.72
C TYR B 213 18.63 -8.44 14.21
N GLY B 214 19.08 -7.41 14.93
CA GLY B 214 18.16 -6.44 15.50
C GLY B 214 18.46 -5.02 15.09
N LEU B 215 18.66 -4.15 16.07
CA LEU B 215 18.91 -2.74 15.80
C LEU B 215 20.37 -2.49 15.44
N SER B 216 20.59 -1.48 14.62
CA SER B 216 21.92 -1.01 14.28
C SER B 216 22.29 0.17 15.20
N GLU B 217 23.60 0.40 15.33
CA GLU B 217 24.04 1.52 16.14
C GLU B 217 23.67 2.86 15.52
N ASN B 218 23.33 2.88 14.23
CA ASN B 218 22.83 4.10 13.63
C ASN B 218 21.46 4.50 14.17
N ASP B 219 20.74 3.57 14.80
CA ASP B 219 19.39 3.82 15.26
C ASP B 219 19.39 4.50 16.64
N GLU B 220 18.20 4.87 17.08
CA GLU B 220 17.98 5.56 18.36
C GLU B 220 17.23 4.62 19.30
N TRP B 221 17.76 4.46 20.51
CA TRP B 221 17.14 3.61 21.53
C TRP B 221 16.82 4.46 22.76
N THR B 222 15.55 4.79 22.92
CA THR B 222 15.10 5.58 24.06
C THR B 222 14.70 4.72 25.25
N GLN B 223 14.20 3.52 25.02
CA GLN B 223 13.61 2.70 26.06
C GLN B 223 14.67 2.26 27.08
N ASP B 224 14.19 1.81 28.24
CA ASP B 224 15.03 1.74 29.43
C ASP B 224 16.21 0.79 29.26
N ARG B 225 15.93 -0.50 29.03
CA ARG B 225 16.95 -1.53 29.14
C ARG B 225 17.87 -1.52 27.92
N ALA B 226 18.71 -2.55 27.82
CA ALA B 226 19.77 -2.58 26.81
C ALA B 226 19.20 -2.52 25.40
N LYS B 227 19.92 -1.82 24.53
CA LYS B 227 19.46 -1.63 23.16
C LYS B 227 19.57 -2.95 22.39
N PRO B 228 18.53 -3.31 21.61
CA PRO B 228 18.51 -4.61 20.90
C PRO B 228 19.38 -4.61 19.65
N VAL B 229 20.69 -4.46 19.85
CA VAL B 229 21.64 -4.45 18.74
C VAL B 229 21.83 -5.89 18.25
N THR B 230 22.21 -6.03 16.97
CA THR B 230 22.53 -7.33 16.42
C THR B 230 23.65 -7.99 17.22
N GLN B 231 23.45 -9.25 17.58
CA GLN B 231 24.37 -9.91 18.49
C GLN B 231 24.27 -11.42 18.31
N ILE B 232 25.19 -12.13 18.97
CA ILE B 232 25.18 -13.59 19.04
C ILE B 232 24.89 -13.96 20.49
N VAL B 233 23.84 -14.75 20.70
CA VAL B 233 23.46 -15.25 22.01
C VAL B 233 23.54 -16.77 21.96
N SER B 234 24.38 -17.35 22.81
CA SER B 234 24.60 -18.79 22.81
C SER B 234 24.49 -19.33 24.23
N ALA B 235 24.11 -20.60 24.33
CA ALA B 235 24.12 -21.33 25.58
C ALA B 235 24.92 -22.62 25.39
N GLU B 236 25.68 -22.99 26.40
CA GLU B 236 26.69 -24.03 26.28
C GLU B 236 26.39 -25.20 27.20
N ALA B 237 26.63 -26.41 26.70
CA ALA B 237 26.49 -27.63 27.47
C ALA B 237 27.75 -28.47 27.34
N TRP B 238 28.02 -29.29 28.36
CA TRP B 238 29.23 -30.09 28.42
C TRP B 238 28.88 -31.56 28.52
N GLY B 239 29.72 -32.40 27.90
CA GLY B 239 29.49 -33.83 27.94
C GLY B 239 29.52 -34.35 29.36
N ARG B 240 28.55 -35.21 29.68
CA ARG B 240 28.36 -35.73 31.03
C ARG B 240 28.43 -37.25 31.00
N ALA B 241 29.32 -37.82 31.82
CA ALA B 241 29.50 -39.26 31.86
C ALA B 241 28.35 -39.97 32.56
N ASP B 242 27.56 -39.26 33.36
CA ASP B 242 26.44 -39.86 34.07
C ASP B 242 25.34 -38.83 34.33
N GLN C 1 -10.69 -3.73 -7.85
CA GLN C 1 -9.45 -3.04 -7.48
C GLN C 1 -9.65 -2.21 -6.21
N VAL C 2 -8.74 -1.28 -5.97
CA VAL C 2 -8.69 -0.54 -4.71
C VAL C 2 -9.56 0.71 -4.83
N GLN C 3 -10.26 1.05 -3.75
CA GLN C 3 -11.26 2.11 -3.80
C GLN C 3 -11.47 2.68 -2.40
N LEU C 4 -12.07 3.87 -2.36
CA LEU C 4 -12.46 4.52 -1.11
C LEU C 4 -13.76 5.27 -1.31
N VAL C 5 -14.66 5.18 -0.33
CA VAL C 5 -15.90 5.96 -0.32
C VAL C 5 -16.05 6.60 1.06
N GLN C 6 -16.43 7.88 1.08
CA GLN C 6 -16.51 8.64 2.33
C GLN C 6 -17.95 9.08 2.57
N SER C 7 -18.76 8.18 3.13
CA SER C 7 -20.01 8.53 3.81
C SER C 7 -21.03 9.28 2.95
N GLY C 8 -22.21 9.52 3.53
CA GLY C 8 -23.17 10.38 2.89
C GLY C 8 -22.92 11.85 3.19
N ALA C 9 -23.56 12.71 2.39
CA ALA C 9 -23.38 14.15 2.55
C ALA C 9 -24.11 14.61 3.81
N GLU C 10 -23.37 15.21 4.73
CA GLU C 10 -23.91 15.77 5.95
C GLU C 10 -24.14 17.27 5.80
N VAL C 11 -24.99 17.80 6.66
CA VAL C 11 -25.24 19.25 6.74
C VAL C 11 -25.64 19.58 8.16
N LYS C 12 -24.94 20.52 8.78
CA LYS C 12 -25.21 20.89 10.16
C LYS C 12 -25.06 22.39 10.35
N LYS C 13 -26.04 23.00 11.04
CA LYS C 13 -25.90 24.36 11.51
C LYS C 13 -24.86 24.41 12.62
N PRO C 14 -24.35 25.60 12.95
CA PRO C 14 -23.29 25.69 13.96
C PRO C 14 -23.68 25.00 15.27
N GLY C 15 -22.67 24.41 15.92
CA GLY C 15 -22.84 23.82 17.23
C GLY C 15 -23.46 22.42 17.26
N SER C 16 -22.77 21.45 16.69
CA SER C 16 -23.22 20.06 16.70
C SER C 16 -21.99 19.15 16.68
N SER C 17 -22.18 17.91 16.26
CA SER C 17 -21.10 16.97 15.95
C SER C 17 -21.29 16.45 14.53
N VAL C 18 -20.35 15.61 14.09
CA VAL C 18 -20.48 14.94 12.79
C VAL C 18 -19.51 13.77 12.76
N LYS C 19 -19.92 12.69 12.11
CA LYS C 19 -19.07 11.52 11.88
C LYS C 19 -19.09 11.19 10.39
N VAL C 20 -17.91 10.99 9.82
CA VAL C 20 -17.76 10.67 8.41
C VAL C 20 -17.02 9.35 8.29
N SER C 21 -17.61 8.40 7.58
CA SER C 21 -16.98 7.11 7.34
C SER C 21 -16.05 7.20 6.13
N CYS C 22 -15.18 6.20 6.00
CA CYS C 22 -14.28 6.09 4.85
C CYS C 22 -14.00 4.61 4.65
N LYS C 23 -14.72 3.99 3.72
CA LYS C 23 -14.61 2.55 3.49
C LYS C 23 -13.43 2.27 2.56
N ALA C 24 -12.51 1.44 3.03
CA ALA C 24 -11.30 1.12 2.29
C ALA C 24 -11.37 -0.33 1.81
N SER C 25 -11.31 -0.51 0.50
CA SER C 25 -11.17 -1.83 -0.12
C SER C 25 -9.81 -1.92 -0.81
N GLY C 26 -9.57 -3.04 -1.47
CA GLY C 26 -8.32 -3.23 -2.16
C GLY C 26 -7.37 -4.19 -1.44
N HIS C 27 -6.35 -3.64 -0.79
CA HIS C 27 -5.36 -4.47 -0.10
C HIS C 27 -5.76 -4.66 1.36
N ASP C 28 -4.86 -5.27 2.13
CA ASP C 28 -5.11 -5.50 3.55
C ASP C 28 -5.29 -4.18 4.28
N PHE C 29 -6.38 -4.08 5.04
CA PHE C 29 -6.71 -2.83 5.72
C PHE C 29 -5.68 -2.48 6.79
N ARG C 30 -5.18 -3.49 7.51
CA ARG C 30 -4.31 -3.24 8.65
C ARG C 30 -3.00 -2.60 8.24
N LEU C 31 -2.51 -2.85 7.02
CA LEU C 31 -1.26 -2.26 6.56
C LEU C 31 -1.43 -0.86 6.00
N THR C 32 -2.54 -0.19 6.29
CA THR C 32 -2.87 1.09 5.69
C THR C 32 -2.96 2.17 6.76
N TYR C 33 -2.64 3.40 6.36
CA TYR C 33 -2.80 4.58 7.21
C TYR C 33 -3.79 5.50 6.56
N ILE C 34 -4.86 5.85 7.27
CA ILE C 34 -5.96 6.63 6.72
C ILE C 34 -5.83 8.06 7.24
N HIS C 35 -5.60 9.01 6.35
CA HIS C 35 -5.43 10.41 6.69
C HIS C 35 -6.65 11.20 6.24
N TRP C 36 -7.01 12.21 7.02
CA TRP C 36 -8.14 13.08 6.72
C TRP C 36 -7.62 14.48 6.43
N VAL C 37 -7.99 15.01 5.27
CA VAL C 37 -7.65 16.38 4.90
C VAL C 37 -8.93 17.07 4.43
N ARG C 38 -8.98 18.39 4.65
CA ARG C 38 -10.12 19.21 4.26
C ARG C 38 -9.62 20.40 3.46
N GLN C 39 -10.53 21.00 2.68
CA GLN C 39 -10.18 22.14 1.85
C GLN C 39 -11.43 22.99 1.64
N ALA C 40 -11.42 24.19 2.21
CA ALA C 40 -12.57 25.08 2.15
C ALA C 40 -12.66 25.76 0.78
N PRO C 41 -13.86 26.20 0.39
CA PRO C 41 -14.00 27.00 -0.84
C PRO C 41 -13.08 28.21 -0.84
N GLY C 42 -12.22 28.32 -1.85
CA GLY C 42 -11.27 29.40 -1.93
C GLY C 42 -10.24 29.38 -0.82
N GLN C 43 -9.66 28.21 -0.56
CA GLN C 43 -8.70 28.07 0.53
C GLN C 43 -7.66 27.03 0.14
N GLY C 44 -6.65 26.88 0.99
CA GLY C 44 -5.67 25.84 0.84
C GLY C 44 -6.18 24.50 1.33
N LEU C 45 -5.28 23.52 1.33
CA LEU C 45 -5.60 22.17 1.76
C LEU C 45 -5.03 21.93 3.15
N GLU C 46 -5.85 21.37 4.04
CA GLU C 46 -5.55 21.29 5.47
C GLU C 46 -5.59 19.83 5.92
N TRP C 47 -4.42 19.25 6.19
CA TRP C 47 -4.37 17.97 6.88
C TRP C 47 -4.79 18.14 8.33
N MET C 48 -5.59 17.20 8.85
CA MET C 48 -6.02 17.30 10.23
C MET C 48 -6.05 15.98 10.99
N GLY C 49 -5.40 14.93 10.50
CA GLY C 49 -5.29 13.73 11.31
C GLY C 49 -5.04 12.49 10.47
N ARG C 50 -4.60 11.45 11.17
CA ARG C 50 -4.38 10.14 10.56
C ARG C 50 -4.44 9.08 11.66
N VAL C 51 -4.63 7.83 11.23
CA VAL C 51 -4.70 6.68 12.14
C VAL C 51 -3.95 5.52 11.49
N SER C 52 -3.23 4.75 12.33
CA SER C 52 -2.64 3.50 11.89
C SER C 52 -3.69 2.41 12.03
N ALA C 53 -4.13 1.87 10.90
CA ALA C 53 -5.23 0.90 10.92
C ALA C 53 -4.83 -0.37 11.67
N GLY C 54 -3.60 -0.85 11.46
CA GLY C 54 -3.16 -2.05 12.13
C GLY C 54 -2.74 -1.89 13.57
N SER C 55 -2.74 -0.66 14.10
CA SER C 55 -2.32 -0.43 15.46
C SER C 55 -3.18 0.55 16.24
N GLY C 56 -4.19 1.17 15.63
CA GLY C 56 -5.04 2.11 16.34
C GLY C 56 -4.36 3.38 16.76
N ASN C 57 -3.27 3.74 16.10
CA ASN C 57 -2.38 4.80 16.55
C ASN C 57 -2.72 6.09 15.81
N VAL C 58 -3.10 7.14 16.56
CA VAL C 58 -3.78 8.30 15.99
C VAL C 58 -2.98 9.57 16.30
N LYS C 59 -2.81 10.41 15.28
CA LYS C 59 -2.20 11.72 15.40
C LYS C 59 -3.06 12.71 14.65
N TYR C 60 -3.53 13.75 15.32
CA TYR C 60 -4.30 14.81 14.69
C TYR C 60 -3.49 16.11 14.61
N ASN C 61 -3.93 16.98 13.71
CA ASN C 61 -3.35 18.31 13.62
C ASN C 61 -3.68 19.11 14.87
N GLU C 62 -2.80 20.06 15.19
CA GLU C 62 -2.93 20.75 16.47
C GLU C 62 -4.05 21.78 16.45
N LYS C 63 -4.41 22.32 15.28
CA LYS C 63 -5.38 23.40 15.25
C LYS C 63 -6.81 22.91 15.30
N PHE C 64 -7.01 21.60 15.33
CA PHE C 64 -8.30 20.97 15.54
C PHE C 64 -8.27 20.19 16.86
N LYS C 65 -7.68 20.81 17.89
CA LYS C 65 -7.36 20.12 19.13
C LYS C 65 -8.63 19.69 19.86
N GLY C 66 -8.67 18.42 20.26
CA GLY C 66 -9.80 17.87 20.98
C GLY C 66 -11.09 17.88 20.20
N ARG C 67 -11.04 18.35 18.95
CA ARG C 67 -12.22 18.54 18.13
C ARG C 67 -12.39 17.47 17.06
N VAL C 68 -11.29 16.89 16.59
CA VAL C 68 -11.34 15.80 15.61
C VAL C 68 -11.05 14.50 16.34
N THR C 69 -11.58 13.40 15.81
CA THR C 69 -11.34 12.08 16.37
C THR C 69 -11.34 11.07 15.23
N ILE C 70 -10.27 10.29 15.13
CA ILE C 70 -10.11 9.28 14.09
C ILE C 70 -10.13 7.91 14.75
N THR C 71 -10.89 6.98 14.18
CA THR C 71 -10.96 5.61 14.68
C THR C 71 -10.83 4.66 13.50
N ALA C 72 -10.07 3.59 13.71
CA ALA C 72 -9.88 2.54 12.71
C ALA C 72 -10.65 1.30 13.17
N ASP C 73 -11.58 0.84 12.36
CA ASP C 73 -12.41 -0.32 12.66
C ASP C 73 -11.88 -1.50 11.87
N THR C 74 -10.94 -2.24 12.48
CA THR C 74 -10.23 -3.29 11.75
C THR C 74 -11.18 -4.40 11.28
N SER C 75 -12.31 -4.58 11.95
CA SER C 75 -13.24 -5.63 11.54
C SER C 75 -13.96 -5.26 10.25
N THR C 76 -14.70 -4.16 10.27
CA THR C 76 -15.40 -3.68 9.09
C THR C 76 -14.51 -2.88 8.13
N SER C 77 -13.25 -2.64 8.50
CA SER C 77 -12.25 -2.07 7.60
C SER C 77 -12.70 -0.71 7.03
N THR C 78 -13.23 0.15 7.89
CA THR C 78 -13.50 1.54 7.54
C THR C 78 -12.96 2.45 8.63
N ALA C 79 -12.65 3.68 8.25
CA ALA C 79 -12.14 4.68 9.16
C ALA C 79 -13.18 5.76 9.38
N TYR C 80 -13.27 6.25 10.61
CA TYR C 80 -14.23 7.29 10.98
C TYR C 80 -13.48 8.58 11.29
N MET C 81 -14.26 9.67 11.35
CA MET C 81 -13.70 10.98 11.61
C MET C 81 -14.77 11.84 12.25
N GLU C 82 -14.57 12.19 13.52
CA GLU C 82 -15.58 12.88 14.32
C GLU C 82 -15.15 14.32 14.60
N LEU C 83 -15.66 15.25 13.80
CA LEU C 83 -15.54 16.67 14.09
C LEU C 83 -16.71 17.09 14.97
N SER C 84 -16.41 17.68 16.13
CA SER C 84 -17.42 18.09 17.09
C SER C 84 -17.38 19.59 17.28
N SER C 85 -18.34 20.10 18.06
CA SER C 85 -18.45 21.51 18.40
C SER C 85 -18.22 22.37 17.16
N LEU C 86 -19.03 22.11 16.14
CA LEU C 86 -18.81 22.62 14.79
C LEU C 86 -18.74 24.14 14.73
N ARG C 87 -17.54 24.65 14.41
CA ARG C 87 -17.33 26.07 14.22
C ARG C 87 -18.13 26.55 13.02
N SER C 88 -18.21 27.88 12.89
CA SER C 88 -18.90 28.46 11.74
C SER C 88 -18.19 28.11 10.43
N GLU C 89 -16.86 28.12 10.43
CA GLU C 89 -16.07 27.98 9.23
C GLU C 89 -15.61 26.55 8.99
N ASP C 90 -16.36 25.56 9.45
CA ASP C 90 -16.09 24.17 9.12
C ASP C 90 -16.86 23.73 7.87
N THR C 91 -16.75 24.54 6.82
CA THR C 91 -17.46 24.31 5.57
C THR C 91 -16.44 23.96 4.48
N ALA C 92 -16.32 22.68 4.18
CA ALA C 92 -15.31 22.22 3.23
C ALA C 92 -15.65 20.82 2.80
N VAL C 93 -15.05 20.39 1.68
CA VAL C 93 -15.03 18.99 1.32
C VAL C 93 -14.00 18.30 2.19
N TYR C 94 -14.43 17.28 2.92
CA TYR C 94 -13.56 16.54 3.83
C TYR C 94 -13.13 15.25 3.15
N TYR C 95 -11.82 15.07 2.99
CA TYR C 95 -11.25 13.98 2.23
C TYR C 95 -10.57 12.98 3.16
N CYS C 96 -10.68 11.71 2.81
CA CYS C 96 -9.90 10.64 3.43
C CYS C 96 -8.96 10.07 2.39
N ALA C 97 -7.67 9.97 2.72
CA ALA C 97 -6.67 9.46 1.81
C ALA C 97 -5.78 8.47 2.56
N VAL C 98 -5.32 7.46 1.83
CA VAL C 98 -4.64 6.31 2.43
C VAL C 98 -3.23 6.19 1.87
N SER C 99 -2.25 6.17 2.76
CA SER C 99 -0.86 5.88 2.41
C SER C 99 -0.63 4.40 2.69
N TYR C 100 -0.41 3.63 1.63
CA TYR C 100 -0.18 2.19 1.73
C TYR C 100 1.15 1.75 1.17
N TYR C 101 1.53 2.29 0.00
CA TYR C 101 2.80 1.92 -0.60
C TYR C 101 3.98 2.56 0.12
N SER C 102 3.81 3.79 0.60
CA SER C 102 4.87 4.52 1.27
C SER C 102 4.30 5.29 2.44
N TYR C 103 5.05 5.34 3.54
CA TYR C 103 4.59 5.99 4.76
C TYR C 103 4.33 7.48 4.52
N ASP C 104 3.16 7.95 4.96
CA ASP C 104 2.77 9.36 4.93
C ASP C 104 2.66 9.93 3.52
N VAL C 105 2.49 9.08 2.50
CA VAL C 105 2.58 9.55 1.12
C VAL C 105 1.20 9.79 0.48
N LEU C 106 0.12 9.28 1.07
CA LEU C 106 -1.24 9.54 0.58
C LEU C 106 -1.40 9.05 -0.87
N ASP C 107 -1.31 7.73 -1.00
CA ASP C 107 -1.23 7.12 -2.33
C ASP C 107 -2.49 7.39 -3.15
N TYR C 108 -3.67 7.37 -2.52
CA TYR C 108 -4.90 7.60 -3.26
C TYR C 108 -5.93 8.22 -2.32
N TRP C 109 -6.98 8.77 -2.93
CA TRP C 109 -7.96 9.58 -2.22
C TRP C 109 -9.36 9.03 -2.41
N GLY C 110 -10.29 9.55 -1.62
CA GLY C 110 -11.69 9.33 -1.85
C GLY C 110 -12.31 10.44 -2.69
N GLN C 111 -13.60 10.30 -2.93
CA GLN C 111 -14.31 11.23 -3.80
C GLN C 111 -14.54 12.58 -3.14
N GLY C 112 -14.75 12.60 -1.82
CA GLY C 112 -14.94 13.83 -1.10
C GLY C 112 -16.32 14.03 -0.51
N THR C 113 -16.44 13.81 0.79
CA THR C 113 -17.67 14.14 1.50
C THR C 113 -17.75 15.64 1.70
N THR C 114 -18.99 16.14 1.76
CA THR C 114 -19.24 17.58 1.88
C THR C 114 -19.95 17.86 3.19
N VAL C 115 -19.36 18.73 4.01
CA VAL C 115 -19.94 19.16 5.27
C VAL C 115 -19.92 20.68 5.27
N THR C 116 -21.09 21.30 5.48
CA THR C 116 -21.24 22.74 5.41
C THR C 116 -21.93 23.24 6.67
N VAL C 117 -21.37 24.28 7.28
CA VAL C 117 -21.96 24.87 8.47
C VAL C 117 -22.49 26.26 8.13
N SER C 121 -34.11 26.14 8.59
CA SER C 121 -32.97 25.58 7.87
C SER C 121 -33.32 25.34 6.40
N THR C 122 -33.78 24.12 6.10
CA THR C 122 -34.07 23.75 4.73
C THR C 122 -35.22 24.57 4.16
N LYS C 123 -35.07 25.00 2.91
CA LYS C 123 -36.09 25.80 2.24
C LYS C 123 -35.99 25.58 0.74
N GLY C 124 -37.08 25.93 0.04
CA GLY C 124 -37.19 25.70 -1.38
C GLY C 124 -36.99 26.94 -2.22
N PRO C 125 -36.59 26.75 -3.49
CA PRO C 125 -36.30 27.90 -4.36
C PRO C 125 -37.50 28.38 -5.17
N SER C 126 -37.26 29.36 -6.03
CA SER C 126 -38.21 29.82 -7.03
C SER C 126 -37.43 30.18 -8.29
N VAL C 127 -38.14 30.23 -9.42
CA VAL C 127 -37.52 30.50 -10.72
C VAL C 127 -38.29 31.61 -11.41
N PHE C 128 -37.56 32.60 -11.95
CA PHE C 128 -38.15 33.73 -12.65
C PHE C 128 -37.63 33.80 -14.07
N PRO C 129 -38.49 33.83 -15.08
CA PRO C 129 -38.01 34.02 -16.46
C PRO C 129 -37.39 35.39 -16.64
N LEU C 130 -36.56 35.51 -17.69
CA LEU C 130 -35.76 36.71 -17.95
C LEU C 130 -35.97 37.15 -19.40
N ALA C 131 -37.03 37.92 -19.64
CA ALA C 131 -37.34 38.39 -20.97
C ALA C 131 -36.29 39.37 -21.47
N GLY C 140 -29.30 38.85 -34.17
CA GLY C 140 -28.15 38.03 -33.83
C GLY C 140 -28.47 36.95 -32.81
N THR C 141 -28.14 37.24 -31.55
CA THR C 141 -28.37 36.32 -30.44
C THR C 141 -29.32 36.98 -29.44
N ALA C 142 -30.25 36.19 -28.91
CA ALA C 142 -31.18 36.65 -27.87
C ALA C 142 -31.17 35.59 -26.77
N ALA C 143 -30.25 35.74 -25.81
CA ALA C 143 -30.15 34.78 -24.72
C ALA C 143 -31.31 34.95 -23.73
N LEU C 144 -31.59 33.88 -23.00
CA LEU C 144 -32.67 33.86 -22.03
C LEU C 144 -32.30 32.90 -20.91
N GLY C 145 -32.70 33.24 -19.68
CA GLY C 145 -32.37 32.39 -18.56
C GLY C 145 -33.33 32.35 -17.38
N CYS C 146 -33.42 31.18 -16.75
CA CYS C 146 -34.07 31.04 -15.45
C CYS C 146 -33.08 31.47 -14.36
N LEU C 147 -33.62 31.81 -13.18
CA LEU C 147 -32.77 32.41 -12.14
C LEU C 147 -33.29 32.03 -10.76
N VAL C 148 -32.67 32.64 -9.72
CA VAL C 148 -33.17 32.76 -8.34
C VAL C 148 -33.52 31.40 -7.74
N LYS C 149 -34.10 31.32 -6.51
CA LYS C 149 -34.45 32.40 -5.56
C LYS C 149 -33.74 32.41 -4.19
N ASP C 150 -33.82 31.29 -3.48
CA ASP C 150 -33.23 31.12 -2.16
C ASP C 150 -33.55 29.71 -1.70
N TYR C 151 -32.54 28.93 -1.37
CA TYR C 151 -32.77 27.54 -1.03
C TYR C 151 -31.69 27.06 -0.08
N PHE C 152 -32.02 25.98 0.64
CA PHE C 152 -31.12 25.34 1.58
C PHE C 152 -31.60 23.92 1.81
N PRO C 153 -30.72 22.93 1.89
CA PRO C 153 -29.33 23.10 1.44
C PRO C 153 -29.20 22.83 -0.07
N GLU C 154 -27.97 22.71 -0.53
CA GLU C 154 -27.66 22.40 -1.93
C GLU C 154 -27.94 20.92 -2.20
N PRO C 155 -27.88 20.48 -3.48
CA PRO C 155 -27.56 21.13 -4.76
C PRO C 155 -28.78 21.36 -5.67
N VAL C 156 -28.53 21.99 -6.82
CA VAL C 156 -29.56 22.26 -7.82
C VAL C 156 -29.03 21.87 -9.19
N THR C 157 -29.95 21.50 -10.07
CA THR C 157 -29.60 21.21 -11.47
C THR C 157 -30.66 21.83 -12.37
N VAL C 158 -30.22 22.25 -13.56
CA VAL C 158 -31.09 22.79 -14.59
C VAL C 158 -30.73 22.14 -15.91
N SER C 159 -31.74 21.89 -16.75
CA SER C 159 -31.54 21.26 -18.04
C SER C 159 -32.33 22.01 -19.10
N TRP C 160 -31.88 21.87 -20.35
CA TRP C 160 -32.48 22.56 -21.48
C TRP C 160 -33.44 21.61 -22.19
N ASN C 161 -34.75 21.87 -22.05
CA ASN C 161 -35.79 21.05 -22.67
C ASN C 161 -35.63 19.59 -22.29
N SER C 162 -35.37 19.34 -21.00
CA SER C 162 -35.13 18.00 -20.47
C SER C 162 -33.93 17.34 -21.14
N GLY C 163 -32.92 18.13 -21.48
CA GLY C 163 -31.66 17.58 -21.95
C GLY C 163 -31.58 17.28 -23.43
N ALA C 164 -31.80 18.28 -24.27
CA ALA C 164 -31.70 18.11 -25.72
C ALA C 164 -30.65 19.01 -26.36
N LEU C 165 -30.02 19.90 -25.60
CA LEU C 165 -28.97 20.75 -26.13
C LEU C 165 -27.95 21.04 -25.02
N THR C 166 -26.67 20.82 -25.33
CA THR C 166 -25.59 21.11 -24.40
C THR C 166 -24.68 22.23 -24.87
N SER C 167 -24.73 22.61 -26.14
CA SER C 167 -23.93 23.69 -26.68
C SER C 167 -24.78 24.94 -26.77
N GLY C 168 -24.36 26.00 -26.07
CA GLY C 168 -25.06 27.27 -26.06
C GLY C 168 -25.74 27.59 -24.74
N VAL C 169 -25.91 26.62 -23.86
CA VAL C 169 -26.49 26.84 -22.54
C VAL C 169 -25.36 26.94 -21.52
N HIS C 170 -25.37 28.01 -20.73
CA HIS C 170 -24.34 28.27 -19.74
C HIS C 170 -25.00 28.43 -18.38
N THR C 171 -24.77 27.47 -17.49
CA THR C 171 -25.33 27.49 -16.15
C THR C 171 -24.25 27.88 -15.15
N PHE C 172 -24.53 28.89 -14.35
CA PHE C 172 -23.49 29.45 -13.51
C PHE C 172 -23.53 28.86 -12.11
N PRO C 173 -22.34 28.63 -11.52
CA PRO C 173 -22.29 28.07 -10.16
C PRO C 173 -23.00 28.98 -9.16
N ALA C 174 -23.63 28.36 -8.18
CA ALA C 174 -24.45 29.11 -7.22
C ALA C 174 -23.59 30.03 -6.37
N VAL C 175 -24.12 31.22 -6.10
CA VAL C 175 -23.48 32.18 -5.21
C VAL C 175 -24.21 32.18 -3.88
N LEU C 176 -23.51 32.63 -2.83
CA LEU C 176 -24.05 32.68 -1.48
C LEU C 176 -24.40 34.14 -1.18
N GLN C 177 -25.69 34.45 -1.16
CA GLN C 177 -26.14 35.83 -0.97
C GLN C 177 -26.07 36.19 0.51
N SER C 178 -26.56 37.40 0.84
CA SER C 178 -26.38 37.94 2.18
C SER C 178 -27.06 37.07 3.24
N SER C 179 -28.27 36.59 2.95
CA SER C 179 -29.02 35.82 3.93
C SER C 179 -28.33 34.50 4.28
N GLY C 180 -27.38 34.05 3.46
CA GLY C 180 -26.73 32.78 3.69
C GLY C 180 -27.33 31.60 2.98
N LEU C 181 -28.21 31.83 2.01
CA LEU C 181 -28.83 30.76 1.24
C LEU C 181 -28.72 31.07 -0.25
N TYR C 182 -28.39 30.06 -1.03
CA TYR C 182 -27.87 30.24 -2.38
C TYR C 182 -28.95 30.56 -3.38
N SER C 183 -28.52 31.15 -4.50
CA SER C 183 -29.33 31.38 -5.69
C SER C 183 -28.38 31.56 -6.86
N LEU C 184 -28.79 31.11 -8.04
CA LEU C 184 -27.91 31.13 -9.19
C LEU C 184 -28.68 31.52 -10.45
N SER C 185 -27.93 31.75 -11.52
CA SER C 185 -28.46 32.08 -12.84
C SER C 185 -28.17 30.94 -13.81
N SER C 186 -29.17 30.59 -14.62
CA SER C 186 -29.06 29.49 -15.58
C SER C 186 -29.61 29.99 -16.91
N VAL C 187 -28.71 30.28 -17.86
CA VAL C 187 -29.09 30.89 -19.13
C VAL C 187 -28.65 30.01 -20.28
N VAL C 188 -29.30 30.22 -21.43
CA VAL C 188 -28.94 29.55 -22.67
C VAL C 188 -28.88 30.60 -23.78
N THR C 189 -28.06 30.33 -24.79
CA THR C 189 -27.90 31.25 -25.91
C THR C 189 -28.73 30.79 -27.10
N GLN C 198 -39.24 28.92 -32.11
CA GLN C 198 -38.91 27.65 -31.47
C GLN C 198 -39.25 27.69 -29.98
N THR C 199 -39.65 26.53 -29.45
CA THR C 199 -40.00 26.43 -28.04
C THR C 199 -38.74 26.23 -27.20
N TYR C 200 -38.58 27.07 -26.17
CA TYR C 200 -37.41 27.02 -25.29
C TYR C 200 -37.88 27.09 -23.85
N ILE C 201 -37.50 26.08 -23.06
CA ILE C 201 -37.93 25.95 -21.67
C ILE C 201 -36.75 25.47 -20.83
N CYS C 202 -36.57 26.06 -19.65
CA CYS C 202 -35.67 25.47 -18.66
C CYS C 202 -36.36 24.33 -17.94
N ASN C 203 -35.55 23.44 -17.35
CA ASN C 203 -36.05 22.38 -16.46
C ASN C 203 -35.21 22.46 -15.19
N VAL C 204 -35.71 23.20 -14.21
CA VAL C 204 -35.01 23.39 -12.94
C VAL C 204 -35.33 22.22 -12.01
N ASN C 205 -34.32 21.75 -11.27
CA ASN C 205 -34.48 20.64 -10.36
C ASN C 205 -33.69 20.91 -9.08
N HIS C 206 -34.34 20.64 -7.93
CA HIS C 206 -33.73 20.80 -6.62
C HIS C 206 -34.04 19.56 -5.80
N LYS C 207 -32.98 18.83 -5.42
CA LYS C 207 -33.16 17.52 -4.81
C LYS C 207 -33.89 17.57 -3.46
N PRO C 208 -33.38 18.26 -2.43
CA PRO C 208 -33.88 17.99 -1.07
C PRO C 208 -35.25 18.55 -0.78
N SER C 209 -35.73 19.51 -1.57
CA SER C 209 -37.00 20.19 -1.30
C SER C 209 -38.14 19.71 -2.18
N ASN C 210 -37.93 18.64 -2.95
CA ASN C 210 -38.95 18.10 -3.86
C ASN C 210 -39.53 19.18 -4.76
N THR C 211 -38.64 19.88 -5.45
CA THR C 211 -39.01 21.05 -6.25
C THR C 211 -38.39 20.92 -7.64
N LYS C 212 -39.24 20.73 -8.65
CA LYS C 212 -38.82 20.78 -10.05
C LYS C 212 -39.80 21.70 -10.78
N VAL C 213 -39.32 22.83 -11.26
CA VAL C 213 -40.14 23.80 -11.97
C VAL C 213 -39.58 23.95 -13.39
N ASP C 214 -40.43 23.73 -14.38
CA ASP C 214 -40.07 23.81 -15.79
C ASP C 214 -40.83 25.00 -16.37
N LYS C 215 -40.14 26.13 -16.46
CA LYS C 215 -40.77 27.40 -16.76
C LYS C 215 -40.31 27.95 -18.11
N LYS C 216 -41.22 28.59 -18.82
CA LYS C 216 -40.94 29.18 -20.13
C LYS C 216 -40.53 30.64 -20.00
N ASP D 1 6.72 23.07 11.66
CA ASP D 1 5.95 22.60 10.51
C ASP D 1 6.37 23.35 9.25
N ILE D 2 5.98 22.81 8.09
CA ILE D 2 6.48 23.25 6.80
C ILE D 2 5.40 24.04 6.08
N GLN D 3 5.80 25.09 5.37
CA GLN D 3 4.90 25.89 4.54
C GLN D 3 5.31 25.71 3.09
N MET D 4 4.42 25.11 2.29
CA MET D 4 4.70 24.83 0.89
C MET D 4 4.00 25.88 0.04
N THR D 5 4.71 26.96 -0.26
CA THR D 5 4.19 28.01 -1.13
C THR D 5 4.37 27.59 -2.58
N GLN D 6 3.28 27.59 -3.35
CA GLN D 6 3.27 27.03 -4.69
C GLN D 6 3.24 28.14 -5.74
N SER D 7 4.01 27.94 -6.80
CA SER D 7 4.14 28.84 -7.93
C SER D 7 3.94 28.06 -9.22
N PRO D 8 3.53 28.71 -10.31
CA PRO D 8 3.28 30.13 -10.59
C PRO D 8 1.85 30.54 -10.30
N SER D 9 1.35 30.17 -9.12
CA SER D 9 -0.05 30.38 -8.75
C SER D 9 -0.94 29.65 -9.74
N PHE D 10 -1.42 30.34 -10.77
CA PHE D 10 -2.34 29.74 -11.74
C PHE D 10 -1.99 30.25 -13.13
N LEU D 11 -1.68 29.34 -14.05
CA LEU D 11 -1.16 29.66 -15.36
C LEU D 11 -2.05 29.13 -16.48
N SER D 12 -2.03 29.82 -17.61
CA SER D 12 -2.65 29.38 -18.84
C SER D 12 -1.59 28.81 -19.79
N ALA D 13 -1.98 27.81 -20.56
CA ALA D 13 -1.08 27.22 -21.54
C ALA D 13 -1.88 26.50 -22.61
N SER D 14 -1.25 26.34 -23.77
CA SER D 14 -1.81 25.57 -24.87
C SER D 14 -1.34 24.12 -24.79
N VAL D 15 -2.08 23.24 -25.46
CA VAL D 15 -1.80 21.81 -25.38
C VAL D 15 -0.47 21.50 -26.04
N GLY D 16 0.19 20.45 -25.54
CA GLY D 16 1.44 19.99 -26.12
C GLY D 16 2.58 20.97 -26.01
N ASP D 17 2.77 21.58 -24.84
CA ASP D 17 3.89 22.47 -24.61
C ASP D 17 4.50 22.17 -23.25
N ARG D 18 5.82 22.35 -23.14
CA ARG D 18 6.58 22.00 -21.95
C ARG D 18 6.28 23.03 -20.85
N VAL D 19 5.14 22.83 -20.19
CA VAL D 19 4.69 23.74 -19.13
C VAL D 19 5.02 23.10 -17.78
N THR D 20 5.53 23.91 -16.85
CA THR D 20 5.99 23.43 -15.56
C THR D 20 5.45 24.31 -14.43
N ILE D 21 5.36 23.71 -13.24
CA ILE D 21 4.98 24.41 -12.02
C ILE D 21 6.01 24.09 -10.95
N THR D 22 6.07 24.96 -9.93
CA THR D 22 7.11 24.90 -8.92
C THR D 22 6.47 24.91 -7.53
N CYS D 23 7.18 24.33 -6.56
CA CYS D 23 6.69 24.26 -5.18
C CYS D 23 7.88 24.58 -4.26
N LYS D 24 7.88 25.78 -3.70
CA LYS D 24 8.92 26.18 -2.76
C LYS D 24 8.56 25.69 -1.36
N ALA D 25 9.59 25.39 -0.57
CA ALA D 25 9.44 24.94 0.80
C ALA D 25 10.02 25.98 1.76
N SER D 26 9.61 25.88 3.02
CA SER D 26 10.12 26.74 4.09
C SER D 26 11.27 26.08 4.85
N GLN D 27 11.08 24.84 5.28
CA GLN D 27 12.14 24.04 5.89
C GLN D 27 12.68 23.05 4.87
N ASN D 28 13.71 22.30 5.28
CA ASN D 28 14.23 21.24 4.44
C ASN D 28 13.29 20.03 4.54
N VAL D 29 12.78 19.59 3.39
CA VAL D 29 11.94 18.40 3.33
C VAL D 29 12.58 17.29 2.51
N ALA D 30 13.85 17.47 2.11
CA ALA D 30 14.64 16.45 1.40
C ALA D 30 13.89 16.08 0.12
N ASP D 31 13.65 14.79 -0.15
CA ASP D 31 12.91 14.36 -1.33
C ASP D 31 11.47 13.98 -1.00
N ARG D 32 10.96 14.42 0.15
CA ARG D 32 9.67 13.95 0.66
C ARG D 32 8.56 14.91 0.24
N VAL D 33 8.30 14.95 -1.06
CA VAL D 33 7.15 15.67 -1.60
C VAL D 33 6.38 14.76 -2.55
N VAL D 34 5.08 15.00 -2.63
CA VAL D 34 4.18 14.24 -3.51
C VAL D 34 3.39 15.25 -4.35
N TRP D 35 3.30 14.98 -5.65
CA TRP D 35 2.51 15.82 -6.55
C TRP D 35 1.18 15.14 -6.83
N HIS D 36 0.09 15.86 -6.61
CA HIS D 36 -1.25 15.33 -6.77
C HIS D 36 -1.98 16.06 -7.89
N GLN D 37 -2.84 15.31 -8.59
CA GLN D 37 -3.72 15.87 -9.61
C GLN D 37 -5.16 15.77 -9.13
N GLN D 38 -5.90 16.87 -9.24
CA GLN D 38 -7.31 16.89 -8.93
C GLN D 38 -8.07 17.49 -10.10
N LYS D 39 -9.04 16.73 -10.62
CA LYS D 39 -9.91 17.23 -11.66
C LYS D 39 -10.81 18.33 -11.10
N PRO D 40 -11.42 19.15 -11.97
CA PRO D 40 -12.26 20.25 -11.46
C PRO D 40 -13.53 19.73 -10.81
N GLY D 41 -13.40 19.28 -9.56
CA GLY D 41 -14.55 18.83 -8.79
C GLY D 41 -14.71 17.32 -8.71
N LYS D 42 -13.61 16.60 -8.47
CA LYS D 42 -13.66 15.15 -8.38
C LYS D 42 -12.60 14.68 -7.39
N ALA D 43 -12.33 13.38 -7.39
CA ALA D 43 -11.39 12.78 -6.46
C ALA D 43 -9.95 13.07 -6.91
N PRO D 44 -9.10 13.58 -6.03
CA PRO D 44 -7.68 13.71 -6.39
C PRO D 44 -7.01 12.36 -6.49
N LYS D 45 -5.97 12.31 -7.33
CA LYS D 45 -5.16 11.11 -7.52
C LYS D 45 -3.68 11.49 -7.48
N ALA D 46 -2.90 10.71 -6.75
CA ALA D 46 -1.47 10.97 -6.63
C ALA D 46 -0.75 10.60 -7.92
N LEU D 47 0.21 11.44 -8.31
CA LEU D 47 0.94 11.26 -9.56
C LEU D 47 2.41 10.92 -9.32
N ILE D 48 3.14 11.78 -8.62
CA ILE D 48 4.57 11.64 -8.42
C ILE D 48 4.81 11.51 -6.92
N TYR D 49 5.44 10.41 -6.51
CA TYR D 49 5.82 10.23 -5.11
C TYR D 49 7.33 10.30 -4.95
N SER D 50 7.76 10.82 -3.80
CA SER D 50 9.17 11.04 -3.49
C SER D 50 9.83 11.98 -4.51
N SER D 51 9.04 12.92 -5.04
CA SER D 51 9.51 14.06 -5.81
C SER D 51 10.01 13.73 -7.21
N SER D 52 10.18 12.45 -7.53
CA SER D 52 10.63 12.11 -8.88
C SER D 52 9.97 10.88 -9.50
N HIS D 53 9.32 10.02 -8.73
CA HIS D 53 8.92 8.70 -9.21
C HIS D 53 7.44 8.68 -9.54
N ARG D 54 7.10 8.18 -10.73
CA ARG D 54 5.71 8.06 -11.13
C ARG D 54 5.12 6.77 -10.57
N TYR D 55 3.87 6.84 -10.11
CA TYR D 55 3.13 5.63 -9.81
C TYR D 55 2.92 4.83 -11.08
N LYS D 56 2.64 3.55 -10.92
CA LYS D 56 2.33 2.71 -12.08
C LYS D 56 1.06 3.25 -12.76
N GLY D 57 1.15 3.42 -14.07
CA GLY D 57 0.05 3.93 -14.86
C GLY D 57 0.14 5.40 -15.22
N VAL D 58 0.94 6.17 -14.50
CA VAL D 58 1.09 7.59 -14.84
C VAL D 58 1.85 7.72 -16.15
N PRO D 59 1.34 8.45 -17.14
CA PRO D 59 2.05 8.59 -18.41
C PRO D 59 3.42 9.23 -18.23
N SER D 60 4.32 8.93 -19.17
CA SER D 60 5.70 9.40 -19.11
C SER D 60 5.81 10.92 -19.24
N ARG D 61 4.74 11.61 -19.65
CA ARG D 61 4.80 13.07 -19.77
C ARG D 61 4.97 13.74 -18.40
N PHE D 62 4.49 13.11 -17.34
CA PHE D 62 4.53 13.69 -16.00
C PHE D 62 5.88 13.39 -15.36
N SER D 63 6.69 14.43 -15.15
CA SER D 63 8.01 14.30 -14.55
C SER D 63 8.15 15.31 -13.42
N GLY D 64 8.75 14.86 -12.31
CA GLY D 64 9.03 15.72 -11.18
C GLY D 64 10.50 15.66 -10.82
N SER D 65 11.01 16.76 -10.28
CA SER D 65 12.43 16.86 -9.96
C SER D 65 12.60 17.80 -8.77
N GLY D 66 13.83 18.18 -8.50
CA GLY D 66 14.15 19.06 -7.39
C GLY D 66 14.41 18.29 -6.10
N SER D 67 15.02 18.98 -5.14
CA SER D 67 15.33 18.37 -3.86
C SER D 67 15.51 19.44 -2.80
N GLY D 68 15.19 19.06 -1.56
CA GLY D 68 15.41 19.90 -0.40
C GLY D 68 14.35 20.95 -0.14
N THR D 69 14.40 22.06 -0.90
CA THR D 69 13.44 23.14 -0.74
C THR D 69 12.91 23.66 -2.08
N GLU D 70 13.34 23.09 -3.20
CA GLU D 70 12.94 23.55 -4.52
C GLU D 70 12.51 22.34 -5.33
N PHE D 71 11.24 22.32 -5.74
CA PHE D 71 10.66 21.18 -6.42
C PHE D 71 9.87 21.63 -7.64
N THR D 72 10.02 20.90 -8.74
CA THR D 72 9.37 21.24 -10.00
C THR D 72 8.58 20.04 -10.50
N LEU D 73 7.52 20.34 -11.24
CA LEU D 73 6.69 19.34 -11.92
C LEU D 73 6.62 19.73 -13.39
N THR D 74 6.78 18.74 -14.26
CA THR D 74 6.76 18.97 -15.71
C THR D 74 5.81 18.00 -16.38
N ILE D 75 4.93 18.52 -17.24
CA ILE D 75 3.96 17.70 -17.96
C ILE D 75 4.26 17.75 -19.46
N SER D 76 5.55 17.86 -19.80
CA SER D 76 6.04 18.08 -21.15
C SER D 76 5.18 17.34 -22.19
N SER D 77 4.79 18.08 -23.23
CA SER D 77 3.78 17.65 -24.20
C SER D 77 2.43 17.41 -23.50
N LEU D 78 1.87 18.53 -23.01
CA LEU D 78 0.57 18.52 -22.36
C LEU D 78 -0.49 17.91 -23.26
N GLN D 79 -1.61 17.52 -22.63
CA GLN D 79 -2.65 16.76 -23.31
C GLN D 79 -3.98 17.02 -22.61
N PRO D 80 -5.10 17.03 -23.34
CA PRO D 80 -6.37 17.50 -22.76
C PRO D 80 -6.74 17.00 -21.37
N GLU D 81 -6.65 15.69 -21.11
CA GLU D 81 -7.07 15.23 -19.79
C GLU D 81 -6.11 15.67 -18.68
N ASP D 82 -4.90 16.09 -19.05
CA ASP D 82 -3.97 16.71 -18.09
C ASP D 82 -4.24 18.21 -17.99
N PHE D 83 -5.48 18.52 -17.60
CA PHE D 83 -5.97 19.92 -17.54
C PHE D 83 -6.78 20.07 -16.25
N ALA D 84 -6.11 20.43 -15.15
CA ALA D 84 -6.78 20.60 -13.88
C ALA D 84 -5.85 21.14 -12.79
N THR D 85 -6.39 21.38 -11.59
CA THR D 85 -5.58 21.84 -10.48
C THR D 85 -4.54 20.79 -10.09
N TYR D 86 -3.33 21.25 -9.82
CA TYR D 86 -2.25 20.41 -9.32
C TYR D 86 -1.71 21.02 -8.03
N PHE D 87 -1.42 20.18 -7.04
CA PHE D 87 -0.92 20.66 -5.76
C PHE D 87 0.16 19.73 -5.24
N CYS D 88 1.06 20.30 -4.44
CA CYS D 88 2.19 19.59 -3.86
C CYS D 88 1.96 19.39 -2.37
N GLN D 89 2.35 18.22 -1.87
CA GLN D 89 2.28 17.91 -0.45
C GLN D 89 3.65 17.44 0.03
N GLN D 90 3.91 17.65 1.32
CA GLN D 90 5.14 17.20 1.94
C GLN D 90 4.85 16.14 2.98
N PHE D 91 5.76 15.19 3.13
CA PHE D 91 5.68 14.21 4.20
C PHE D 91 6.99 14.12 4.97
N LYS D 92 7.64 15.27 5.16
CA LYS D 92 8.80 15.32 6.05
C LYS D 92 8.37 15.12 7.50
N SER D 93 7.56 16.02 8.02
CA SER D 93 7.15 15.96 9.42
C SER D 93 5.67 16.26 9.52
N TYR D 94 5.05 15.72 10.57
CA TYR D 94 3.68 16.07 10.90
C TYR D 94 3.65 17.51 11.42
N PRO D 95 2.56 18.25 11.15
CA PRO D 95 1.41 17.86 10.34
C PRO D 95 1.69 17.99 8.85
N LEU D 96 1.01 17.16 8.05
CA LEU D 96 1.17 17.25 6.60
C LEU D 96 0.63 18.59 6.11
N THR D 97 1.32 19.17 5.13
CA THR D 97 0.91 20.44 4.55
C THR D 97 0.93 20.34 3.04
N PHE D 98 0.02 21.06 2.39
CA PHE D 98 -0.16 21.03 0.96
C PHE D 98 0.08 22.43 0.39
N GLY D 99 -0.06 22.54 -0.92
CA GLY D 99 -0.05 23.82 -1.59
C GLY D 99 -1.46 24.27 -1.90
N GLN D 100 -1.62 25.58 -2.16
CA GLN D 100 -2.94 26.11 -2.49
C GLN D 100 -3.46 25.50 -3.79
N GLY D 101 -2.57 25.27 -4.75
CA GLY D 101 -2.94 24.64 -6.00
C GLY D 101 -2.47 25.46 -7.19
N THR D 102 -2.56 24.81 -8.36
CA THR D 102 -2.23 25.45 -9.63
C THR D 102 -3.20 24.90 -10.68
N LYS D 103 -4.28 25.64 -10.92
CA LYS D 103 -5.22 25.27 -11.98
C LYS D 103 -4.67 25.69 -13.33
N LEU D 104 -4.94 24.88 -14.34
CA LEU D 104 -4.38 25.06 -15.68
C LEU D 104 -5.54 25.08 -16.66
N GLU D 105 -5.80 26.23 -17.27
CA GLU D 105 -6.85 26.36 -18.27
C GLU D 105 -6.22 26.53 -19.65
N ILE D 106 -7.08 26.55 -20.66
CA ILE D 106 -6.65 26.49 -22.06
C ILE D 106 -6.43 27.90 -22.58
N LYS D 107 -5.26 28.12 -23.19
CA LYS D 107 -4.91 29.42 -23.73
C LYS D 107 -5.43 29.57 -25.15
N ARG D 108 -6.00 30.73 -25.44
CA ARG D 108 -6.50 31.06 -26.77
C ARG D 108 -6.22 32.53 -27.04
N THR D 109 -6.53 32.98 -28.26
CA THR D 109 -6.43 34.38 -28.58
C THR D 109 -7.54 35.16 -27.89
N VAL D 110 -7.45 36.50 -27.95
CA VAL D 110 -8.46 37.33 -27.33
C VAL D 110 -9.81 37.03 -27.95
N ALA D 111 -10.82 36.83 -27.11
CA ALA D 111 -12.17 36.50 -27.54
C ALA D 111 -13.10 37.62 -27.06
N ALA D 112 -13.71 38.32 -28.01
CA ALA D 112 -14.57 39.43 -27.67
C ALA D 112 -15.80 38.94 -26.91
N PRO D 113 -16.29 39.70 -25.94
CA PRO D 113 -17.48 39.27 -25.18
C PRO D 113 -18.79 39.63 -25.85
N SER D 114 -19.90 39.25 -25.23
CA SER D 114 -21.24 39.50 -25.77
C SER D 114 -22.12 39.98 -24.63
N VAL D 115 -22.25 41.31 -24.49
CA VAL D 115 -22.94 41.91 -23.36
C VAL D 115 -24.43 41.95 -23.62
N PHE D 116 -25.22 41.42 -22.69
CA PHE D 116 -26.67 41.42 -22.78
C PHE D 116 -27.25 41.95 -21.47
N ILE D 117 -28.20 42.86 -21.55
CA ILE D 117 -28.87 43.43 -20.39
C ILE D 117 -30.29 42.87 -20.34
N PHE D 118 -30.64 42.25 -19.21
CA PHE D 118 -31.90 41.54 -19.09
C PHE D 118 -32.82 42.26 -18.11
N PRO D 119 -33.96 42.77 -18.55
CA PRO D 119 -34.89 43.41 -17.63
C PRO D 119 -35.44 42.42 -16.63
N PRO D 120 -35.75 42.87 -15.41
CA PRO D 120 -36.39 41.98 -14.42
C PRO D 120 -37.77 41.49 -14.87
N SER D 121 -38.39 40.64 -14.06
CA SER D 121 -39.67 40.02 -14.39
C SER D 121 -40.76 40.55 -13.48
N ASP D 122 -41.96 40.74 -14.07
CA ASP D 122 -43.10 41.19 -13.27
C ASP D 122 -43.49 40.14 -12.24
N GLU D 123 -43.39 38.86 -12.59
CA GLU D 123 -43.58 37.81 -11.60
C GLU D 123 -42.60 37.98 -10.45
N GLN D 124 -41.33 38.25 -10.77
CA GLN D 124 -40.35 38.58 -9.74
C GLN D 124 -40.70 39.90 -9.06
N LEU D 125 -41.11 40.91 -9.84
CA LEU D 125 -41.49 42.19 -9.26
C LEU D 125 -42.70 42.07 -8.35
N LYS D 126 -43.50 41.01 -8.50
CA LYS D 126 -44.61 40.78 -7.60
C LYS D 126 -44.17 40.39 -6.20
N SER D 127 -42.92 39.94 -6.04
CA SER D 127 -42.38 39.59 -4.73
C SER D 127 -41.94 40.84 -3.98
N ALA D 130 -36.64 43.19 -7.67
CA ALA D 130 -36.20 43.15 -9.07
C ALA D 130 -34.70 42.93 -9.17
N SER D 131 -34.24 42.41 -10.32
CA SER D 131 -32.83 42.13 -10.51
C SER D 131 -32.52 42.12 -11.99
N VAL D 132 -31.77 43.12 -12.45
CA VAL D 132 -31.26 43.14 -13.82
C VAL D 132 -30.13 42.13 -13.94
N VAL D 133 -29.94 41.58 -15.13
CA VAL D 133 -28.94 40.54 -15.36
C VAL D 133 -28.07 40.94 -16.53
N CYS D 134 -26.75 40.82 -16.36
CA CYS D 134 -25.78 41.06 -17.42
C CYS D 134 -25.03 39.76 -17.72
N LEU D 135 -24.86 39.47 -19.00
CA LEU D 135 -24.21 38.24 -19.45
C LEU D 135 -23.00 38.62 -20.30
N LEU D 136 -21.82 38.17 -19.89
CA LEU D 136 -20.61 38.30 -20.72
C LEU D 136 -20.32 36.97 -21.40
N ASN D 137 -21.16 36.65 -22.38
CA ASN D 137 -21.16 35.31 -22.95
C ASN D 137 -19.89 35.05 -23.75
N ASN D 138 -19.16 34.00 -23.36
CA ASN D 138 -18.11 33.39 -24.17
C ASN D 138 -17.01 34.39 -24.56
N PHE D 139 -16.28 34.84 -23.54
CA PHE D 139 -15.15 35.73 -23.75
C PHE D 139 -13.89 35.18 -23.10
N TYR D 140 -12.75 35.45 -23.73
CA TYR D 140 -11.45 35.09 -23.23
C TYR D 140 -10.55 36.33 -23.24
N PRO D 141 -9.75 36.55 -22.18
CA PRO D 141 -9.63 35.72 -20.97
C PRO D 141 -10.72 36.02 -19.94
N ARG D 142 -10.47 35.68 -18.68
CA ARG D 142 -11.43 35.96 -17.61
C ARG D 142 -11.51 37.45 -17.31
N LYS D 145 -13.92 43.27 -15.73
CA LYS D 145 -14.50 44.21 -14.78
C LYS D 145 -15.90 44.63 -15.22
N VAL D 146 -16.86 44.59 -14.28
CA VAL D 146 -18.24 44.98 -14.54
C VAL D 146 -18.67 45.99 -13.50
N GLN D 147 -19.36 47.04 -13.94
CA GLN D 147 -19.91 48.05 -13.07
C GLN D 147 -21.35 48.35 -13.47
N TRP D 148 -22.19 48.63 -12.49
CA TRP D 148 -23.63 48.71 -12.68
C TRP D 148 -24.17 50.08 -12.32
N LYS D 149 -25.21 50.49 -13.04
CA LYS D 149 -25.87 51.78 -12.82
C LYS D 149 -27.38 51.55 -12.73
N VAL D 150 -28.03 52.32 -11.86
CA VAL D 150 -29.48 52.30 -11.76
C VAL D 150 -29.99 53.73 -11.60
N ASN D 152 -28.08 56.11 -12.76
CA ASN D 152 -26.67 56.35 -13.05
C ASN D 152 -25.81 56.19 -11.81
N ALA D 153 -26.45 55.95 -10.67
CA ALA D 153 -25.74 55.81 -9.41
C ALA D 153 -24.96 54.50 -9.39
N LEU D 154 -23.66 54.59 -9.09
CA LEU D 154 -22.79 53.42 -9.00
C LEU D 154 -22.99 52.76 -7.63
N GLN D 155 -24.17 52.17 -7.47
CA GLN D 155 -24.48 51.47 -6.24
C GLN D 155 -23.51 50.33 -6.02
N SER D 156 -22.92 50.25 -4.83
CA SER D 156 -21.84 49.32 -4.55
C SER D 156 -22.05 48.71 -3.18
N GLY D 157 -22.07 47.39 -3.10
CA GLY D 157 -22.23 46.69 -1.85
C GLY D 157 -23.27 45.58 -1.90
N ASN D 158 -23.89 45.41 -3.05
CA ASN D 158 -24.97 44.44 -3.21
C ASN D 158 -24.74 43.45 -4.34
N SER D 159 -24.17 43.90 -5.46
CA SER D 159 -24.08 43.06 -6.65
C SER D 159 -23.21 41.84 -6.42
N GLN D 160 -23.49 40.78 -7.17
CA GLN D 160 -22.68 39.57 -7.11
C GLN D 160 -22.62 38.95 -8.51
N GLU D 161 -21.59 38.14 -8.73
CA GLU D 161 -21.33 37.56 -10.04
C GLU D 161 -20.89 36.11 -9.86
N SER D 162 -20.83 35.41 -10.99
CA SER D 162 -20.39 34.02 -11.00
C SER D 162 -19.80 33.65 -12.36
N GLN D 166 -13.68 27.92 -18.17
CA GLN D 166 -13.60 27.35 -19.50
C GLN D 166 -14.90 26.66 -19.88
N ASP D 167 -15.56 27.14 -20.93
CA ASP D 167 -16.67 26.38 -21.46
C ASP D 167 -16.13 25.14 -22.18
N SER D 168 -17.01 24.16 -22.36
CA SER D 168 -16.59 22.88 -22.89
C SER D 168 -16.22 22.92 -24.37
N LYS D 169 -16.52 24.02 -25.07
CA LYS D 169 -16.42 24.04 -26.52
C LYS D 169 -15.15 24.71 -27.03
N ASP D 170 -14.93 25.99 -26.69
CA ASP D 170 -13.89 26.76 -27.37
C ASP D 170 -13.07 27.61 -26.40
N SER D 171 -12.97 27.19 -25.14
CA SER D 171 -12.15 27.88 -24.13
C SER D 171 -12.55 29.35 -23.99
N THR D 172 -13.84 29.58 -23.79
CA THR D 172 -14.39 30.93 -23.65
C THR D 172 -15.17 31.03 -22.35
N TYR D 173 -14.76 31.94 -21.48
CA TYR D 173 -15.50 32.18 -20.25
C TYR D 173 -16.86 32.81 -20.54
N SER D 174 -17.90 32.29 -19.93
CA SER D 174 -19.17 33.00 -19.82
C SER D 174 -19.26 33.61 -18.43
N LEU D 175 -19.66 34.87 -18.36
CA LEU D 175 -19.67 35.62 -17.12
C LEU D 175 -21.04 36.23 -16.90
N SER D 176 -21.54 36.14 -15.67
CA SER D 176 -22.84 36.69 -15.31
C SER D 176 -22.67 37.56 -14.07
N SER D 177 -23.14 38.81 -14.15
CA SER D 177 -23.11 39.75 -13.05
C SER D 177 -24.53 40.24 -12.80
N THR D 178 -25.04 39.98 -11.59
CA THR D 178 -26.41 40.32 -11.25
C THR D 178 -26.46 41.50 -10.29
N LEU D 179 -27.50 42.31 -10.44
CA LEU D 179 -27.81 43.40 -9.54
C LEU D 179 -28.89 42.96 -8.56
N THR D 180 -28.83 43.49 -7.35
CA THR D 180 -29.81 43.13 -6.33
C THR D 180 -29.93 44.22 -5.27
N ALA D 184 -37.31 49.05 -3.59
CA ALA D 184 -38.09 50.28 -3.48
C ALA D 184 -37.45 51.39 -4.30
N ASP D 185 -36.21 51.17 -4.74
CA ASP D 185 -35.47 52.13 -5.54
C ASP D 185 -35.47 51.79 -7.02
N TYR D 186 -35.92 50.59 -7.41
CA TYR D 186 -35.86 50.18 -8.81
C TYR D 186 -36.75 51.06 -9.68
N GLU D 187 -37.99 51.29 -9.24
CA GLU D 187 -38.90 52.11 -10.01
C GLU D 187 -38.70 53.59 -9.81
N LYS D 188 -37.78 53.98 -8.92
CA LYS D 188 -37.40 55.38 -8.78
C LYS D 188 -36.41 55.83 -9.84
N HIS D 189 -35.84 54.89 -10.61
CA HIS D 189 -34.87 55.19 -11.64
C HIS D 189 -35.34 54.64 -12.97
N LYS D 190 -34.92 55.29 -14.06
CA LYS D 190 -35.40 54.97 -15.39
C LYS D 190 -34.43 54.13 -16.21
N VAL D 191 -33.14 54.47 -16.19
CA VAL D 191 -32.14 53.83 -17.04
C VAL D 191 -31.22 52.98 -16.18
N TYR D 192 -31.06 51.71 -16.58
CA TYR D 192 -30.15 50.77 -15.91
C TYR D 192 -29.27 50.17 -17.02
N ALA D 193 -28.12 50.78 -17.24
CA ALA D 193 -27.22 50.37 -18.31
C ALA D 193 -26.09 49.54 -17.72
N CYS D 194 -25.91 48.34 -18.25
CA CYS D 194 -24.78 47.53 -17.85
C CYS D 194 -23.48 48.13 -18.35
N GLU D 195 -22.37 47.67 -17.79
CA GLU D 195 -21.08 48.19 -18.23
C GLU D 195 -19.96 47.23 -17.84
N VAL D 196 -19.10 46.92 -18.81
CA VAL D 196 -18.00 45.99 -18.63
C VAL D 196 -16.74 46.56 -19.26
N THR D 197 -15.59 46.03 -18.83
CA THR D 197 -14.29 46.41 -19.36
C THR D 197 -13.46 45.17 -19.65
N HIS D 198 -12.76 45.18 -20.78
CA HIS D 198 -11.90 44.08 -21.18
C HIS D 198 -10.90 44.61 -22.20
N GLN D 199 -10.12 43.70 -22.80
CA GLN D 199 -9.13 44.06 -23.81
C GLN D 199 -9.64 43.85 -25.22
N GLY D 200 -10.24 42.69 -25.50
CA GLY D 200 -10.82 42.46 -26.81
C GLY D 200 -11.86 43.50 -27.17
N LEU D 201 -12.76 43.79 -26.22
CA LEU D 201 -13.59 44.98 -26.29
C LEU D 201 -12.75 46.12 -25.73
N SER D 202 -12.02 46.79 -26.64
CA SER D 202 -11.05 47.80 -26.21
C SER D 202 -11.72 48.93 -25.44
N SER D 203 -12.88 49.35 -25.90
CA SER D 203 -13.58 50.47 -25.31
C SER D 203 -14.72 50.00 -24.42
N PRO D 204 -15.12 50.82 -23.45
CA PRO D 204 -16.14 50.40 -22.48
C PRO D 204 -17.55 50.30 -23.06
N VAL D 205 -17.86 49.16 -23.68
CA VAL D 205 -19.18 48.96 -24.30
C VAL D 205 -20.26 48.87 -23.22
N THR D 206 -21.29 49.70 -23.36
CA THR D 206 -22.41 49.69 -22.43
C THR D 206 -23.70 49.22 -23.09
N PHE D 209 -31.21 49.48 -21.21
CA PHE D 209 -32.65 49.52 -21.45
C PHE D 209 -33.32 50.57 -20.57
N ASN D 210 -34.66 50.54 -20.53
CA ASN D 210 -35.42 51.58 -19.86
C ASN D 210 -36.64 50.96 -19.19
N ARG D 211 -37.58 51.81 -18.78
CA ARG D 211 -38.79 51.39 -18.08
C ARG D 211 -39.92 51.28 -19.10
N GLY D 212 -40.08 50.09 -19.66
CA GLY D 212 -41.15 49.84 -20.62
C GLY D 212 -40.70 49.95 -22.07
#